data_4A69
#
_entry.id   4A69
#
_cell.length_a   86.447
_cell.length_b   118.634
_cell.length_c   190.707
_cell.angle_alpha   90.00
_cell.angle_beta   90.00
_cell.angle_gamma   90.00
#
_symmetry.space_group_name_H-M   'C 2 2 21'
#
loop_
_entity.id
_entity.type
_entity.pdbx_description
1 polymer 'HISTONE DEACETYLASE 3,'
2 polymer 'NUCLEAR RECEPTOR COREPRESSOR 2'
3 non-polymer 'ZINC ION'
4 non-polymer 'ACETATE ION'
5 non-polymer 'POTASSIUM ION'
6 non-polymer GLYCEROL
7 non-polymer 'D-MYO INOSITOL 1,4,5,6 TETRAKISPHOSPHATE'
8 water water
#
loop_
_entity_poly.entity_id
_entity_poly.type
_entity_poly.pdbx_seq_one_letter_code
_entity_poly.pdbx_strand_id
1 'polypeptide(L)'
;MAKTVAYFYDPDVGNFHYGAGHPMKPHRLALTHSLVLHYGLYKKMIVFKPYQASQHDMCRFHSEDYIDFLQRVSPTNMQG
FTKSLNAFNVGDDCPVFPGLFEFCSRYTGASLQGATQLNNKICDIAINWAGGLHHAKKFEASGFCYVNDIVIGILELLKY
HPRVLYIDIDIHHGDGVQEAFYLTDRVMTVSFHKYGNYFFPGTGDMYEVGAESGRYYCLNVPLRDGIDDQSYKHLFQPVI
NQVVDFYQPTCIVLQCGADSLGCDRLGCFNLSIRGHGECVEYVKSFNIPLLVLGGGGYTVRNVARCWTYETSLLVEEAIS
EELPYSEYFEYFAPDFTLHPDVSTRIENQNSRQYLDQIRQTIFENLKMLNHAPSVQ
;
A,B
2 'polypeptide(L)'
;GAMRQLAVIPPMLYDADQQRIKFINMNGLMADPMKVYKDRQVMNMWSEQEKETFREKFMQHPKNFGLIASFLERKTVAEC
VLYYYLTKKNENYK
;
C,D
#
# COMPACT_ATOMS: atom_id res chain seq x y z
N ALA A 2 -25.24 21.15 -26.04
CA ALA A 2 -24.98 22.50 -25.46
C ALA A 2 -23.48 22.74 -25.33
N LYS A 3 -22.88 22.17 -24.30
CA LYS A 3 -21.45 22.36 -24.04
C LYS A 3 -20.61 21.50 -24.96
N THR A 4 -19.62 22.12 -25.58
CA THR A 4 -18.65 21.40 -26.40
C THR A 4 -17.58 20.83 -25.49
N VAL A 5 -17.38 19.52 -25.58
CA VAL A 5 -16.39 18.86 -24.76
C VAL A 5 -15.29 18.29 -25.64
N ALA A 6 -14.06 18.77 -25.42
CA ALA A 6 -12.91 18.21 -26.11
C ALA A 6 -12.27 17.15 -25.23
N TYR A 7 -11.86 16.04 -25.84
CA TYR A 7 -11.30 14.91 -25.11
C TYR A 7 -10.04 14.50 -25.85
N PHE A 8 -8.93 14.45 -25.13
CA PHE A 8 -7.68 14.09 -25.75
C PHE A 8 -7.38 12.62 -25.57
N TYR A 9 -7.38 11.89 -26.68
CA TYR A 9 -7.12 10.47 -26.71
C TYR A 9 -5.81 10.17 -27.44
N ASP A 10 -4.81 9.81 -26.67
CA ASP A 10 -3.50 9.42 -27.19
C ASP A 10 -3.38 7.90 -27.05
N PRO A 11 -3.42 7.17 -28.18
CA PRO A 11 -3.32 5.71 -28.14
C PRO A 11 -1.98 5.17 -27.61
N ASP A 12 -0.98 6.04 -27.50
CA ASP A 12 0.39 5.69 -27.12
C ASP A 12 0.79 6.09 -25.69
N VAL A 13 0.03 6.99 -25.08
CA VAL A 13 0.44 7.57 -23.80
C VAL A 13 0.45 6.51 -22.66
N GLY A 14 -0.28 5.41 -22.84
CA GLY A 14 -0.35 4.37 -21.81
C GLY A 14 0.72 3.28 -21.91
N ASN A 15 1.48 3.28 -23.00
CA ASN A 15 2.43 2.17 -23.23
C ASN A 15 3.80 2.46 -22.67
N PHE A 16 3.84 2.70 -21.35
CA PHE A 16 5.07 2.97 -20.63
C PHE A 16 4.98 2.24 -19.30
N HIS A 17 6.12 1.98 -18.67
CA HIS A 17 6.14 1.30 -17.38
C HIS A 17 7.23 1.86 -16.54
N TYR A 18 6.90 2.37 -15.36
CA TYR A 18 7.88 3.08 -14.50
C TYR A 18 8.95 2.16 -13.92
N GLY A 19 8.71 0.86 -13.89
CA GLY A 19 9.64 -0.08 -13.26
C GLY A 19 8.97 -1.02 -12.26
N ALA A 20 9.62 -2.14 -12.00
CA ALA A 20 9.06 -3.13 -11.06
C ALA A 20 8.89 -2.53 -9.67
N GLY A 21 7.72 -2.70 -9.09
CA GLY A 21 7.44 -2.14 -7.77
C GLY A 21 6.89 -0.73 -7.74
N HIS A 22 7.01 0.01 -8.84
CA HIS A 22 6.54 1.39 -8.83
C HIS A 22 5.05 1.48 -8.98
N PRO A 23 4.37 2.18 -8.06
CA PRO A 23 2.89 2.30 -8.06
C PRO A 23 2.26 3.03 -9.26
N MET A 24 2.99 3.98 -9.85
CA MET A 24 2.48 4.71 -11.04
C MET A 24 2.46 3.81 -12.27
N LYS A 25 1.26 3.62 -12.83
CA LYS A 25 1.03 2.74 -13.98
C LYS A 25 0.41 3.56 -15.12
N PRO A 26 1.24 4.04 -16.07
CA PRO A 26 0.65 4.77 -17.22
C PRO A 26 -0.44 4.02 -17.97
N HIS A 27 -0.42 2.68 -17.95
CA HIS A 27 -1.44 1.91 -18.67
C HIS A 27 -2.83 2.02 -18.10
N ARG A 28 -2.96 2.63 -16.92
CA ARG A 28 -4.27 2.99 -16.39
C ARG A 28 -4.99 3.94 -17.36
N LEU A 29 -4.23 4.74 -18.11
CA LEU A 29 -4.80 5.62 -19.14
C LEU A 29 -5.40 4.81 -20.30
N ALA A 30 -4.70 3.75 -20.72
CA ALA A 30 -5.25 2.82 -21.73
C ALA A 30 -6.58 2.16 -21.31
N LEU A 31 -6.70 1.76 -20.04
CA LEU A 31 -7.94 1.14 -19.56
C LEU A 31 -9.09 2.14 -19.59
N THR A 32 -8.77 3.38 -19.19
CA THR A 32 -9.71 4.48 -19.13
C THR A 32 -10.28 4.76 -20.52
N HIS A 33 -9.40 4.95 -21.49
CA HIS A 33 -9.78 5.14 -22.89
C HIS A 33 -10.59 3.99 -23.41
N SER A 34 -10.13 2.77 -23.12
CA SER A 34 -10.89 1.60 -23.52
C SER A 34 -12.37 1.70 -23.06
N LEU A 35 -12.59 2.00 -21.79
CA LEU A 35 -13.97 2.05 -21.26
C LEU A 35 -14.74 3.24 -21.82
N VAL A 36 -14.09 4.40 -21.88
CA VAL A 36 -14.70 5.60 -22.44
C VAL A 36 -15.23 5.37 -23.87
N LEU A 37 -14.47 4.64 -24.69
CA LEU A 37 -14.85 4.37 -26.06
C LEU A 37 -15.94 3.29 -26.19
N HIS A 38 -15.81 2.21 -25.40
CA HIS A 38 -16.77 1.13 -25.42
C HIS A 38 -18.11 1.52 -24.85
N TYR A 39 -18.14 2.54 -24.00
CA TYR A 39 -19.41 3.11 -23.53
C TYR A 39 -20.04 4.06 -24.55
N GLY A 40 -19.36 4.30 -25.67
CA GLY A 40 -19.82 5.26 -26.67
C GLY A 40 -19.76 6.75 -26.32
N LEU A 41 -19.01 7.12 -25.28
CA LEU A 41 -18.96 8.53 -24.83
C LEU A 41 -18.34 9.49 -25.84
N TYR A 42 -17.47 8.96 -26.70
CA TYR A 42 -16.88 9.73 -27.78
C TYR A 42 -17.92 10.42 -28.67
N LYS A 43 -19.10 9.80 -28.78
CA LYS A 43 -20.20 10.37 -29.59
C LYS A 43 -20.64 11.75 -29.11
N LYS A 44 -20.30 12.10 -27.88
CA LYS A 44 -20.69 13.39 -27.33
C LYS A 44 -19.51 14.34 -27.19
N MET A 45 -18.37 13.97 -27.75
CA MET A 45 -17.15 14.76 -27.55
C MET A 45 -16.39 14.95 -28.85
N ILE A 46 -15.56 15.99 -28.89
CA ILE A 46 -14.66 16.16 -30.01
C ILE A 46 -13.35 15.54 -29.56
N VAL A 47 -12.94 14.48 -30.25
CA VAL A 47 -11.83 13.68 -29.80
C VAL A 47 -10.58 13.94 -30.63
N PHE A 48 -9.52 14.39 -29.98
CA PHE A 48 -8.26 14.76 -30.63
C PHE A 48 -7.13 13.79 -30.31
N LYS A 49 -6.34 13.45 -31.32
CA LYS A 49 -5.02 12.88 -31.10
C LYS A 49 -4.10 14.05 -30.72
N PRO A 50 -3.52 13.99 -29.51
CA PRO A 50 -2.97 15.27 -29.01
C PRO A 50 -1.57 15.70 -29.45
N TYR A 51 -1.40 17.02 -29.50
CA TYR A 51 -0.10 17.67 -29.55
C TYR A 51 0.89 17.08 -28.53
N GLN A 52 2.15 16.97 -28.93
CA GLN A 52 3.23 16.58 -28.04
C GLN A 52 4.09 17.81 -27.74
N ALA A 53 4.38 18.05 -26.46
CA ALA A 53 5.18 19.21 -26.03
C ALA A 53 6.69 19.05 -26.23
N SER A 54 7.35 20.12 -26.67
CA SER A 54 8.80 20.14 -26.82
C SER A 54 9.46 20.74 -25.58
N GLN A 55 10.78 20.65 -25.50
CA GLN A 55 11.57 21.38 -24.49
C GLN A 55 11.25 22.89 -24.47
N HIS A 56 10.97 23.46 -25.64
CA HIS A 56 10.64 24.89 -25.72
C HIS A 56 9.40 25.19 -24.93
N ASP A 57 8.35 24.38 -25.12
CA ASP A 57 7.12 24.47 -24.35
C ASP A 57 7.37 24.33 -22.85
N MET A 58 8.17 23.32 -22.48
CA MET A 58 8.38 22.93 -21.09
C MET A 58 9.17 23.98 -20.32
N CYS A 59 10.14 24.57 -21.00
CA CYS A 59 11.02 25.57 -20.42
C CYS A 59 10.44 26.98 -20.29
N ARG A 60 9.12 27.09 -20.50
CA ARG A 60 8.36 28.26 -20.09
C ARG A 60 8.19 28.28 -18.57
N PHE A 61 8.45 27.14 -17.93
CA PHE A 61 8.46 27.02 -16.47
C PHE A 61 9.74 26.36 -15.97
N HIS A 62 10.05 25.17 -16.48
CA HIS A 62 11.21 24.41 -16.02
C HIS A 62 12.51 24.96 -16.51
N SER A 63 13.58 24.68 -15.77
CA SER A 63 14.92 25.08 -16.16
C SER A 63 15.44 24.29 -17.36
N GLU A 64 16.32 24.92 -18.12
CA GLU A 64 16.93 24.34 -19.30
C GLU A 64 17.77 23.10 -19.00
N ASP A 65 18.59 23.16 -17.94
CA ASP A 65 19.41 22.02 -17.57
C ASP A 65 18.59 20.82 -17.06
N TYR A 66 17.51 21.09 -16.33
CA TYR A 66 16.64 20.03 -15.83
C TYR A 66 16.01 19.24 -16.98
N ILE A 67 15.40 19.96 -17.92
CA ILE A 67 14.76 19.33 -19.09
C ILE A 67 15.81 18.63 -19.96
N ASP A 68 16.98 19.26 -20.10
CA ASP A 68 18.13 18.66 -20.78
C ASP A 68 18.46 17.31 -20.19
N PHE A 69 18.48 17.23 -18.87
CA PHE A 69 18.79 15.99 -18.18
C PHE A 69 17.72 14.91 -18.44
N LEU A 70 16.45 15.33 -18.46
CA LEU A 70 15.37 14.38 -18.73
C LEU A 70 15.45 13.75 -20.12
N GLN A 71 16.01 14.51 -21.08
CA GLN A 71 16.23 13.99 -22.44
C GLN A 71 17.44 13.07 -22.49
N ARG A 72 18.49 13.44 -21.75
CA ARG A 72 19.76 12.75 -21.81
C ARG A 72 19.83 11.41 -21.06
N VAL A 73 19.25 11.35 -19.86
CA VAL A 73 19.39 10.18 -18.97
C VAL A 73 18.64 8.97 -19.53
N SER A 74 19.26 7.79 -19.46
CA SER A 74 18.59 6.59 -19.93
C SER A 74 18.94 5.45 -18.99
N PRO A 75 18.15 4.37 -19.01
CA PRO A 75 18.49 3.25 -18.14
C PRO A 75 19.91 2.72 -18.34
N THR A 76 20.44 2.82 -19.55
CA THR A 76 21.77 2.29 -19.85
C THR A 76 22.96 3.24 -19.57
N ASN A 77 22.71 4.52 -19.31
CA ASN A 77 23.82 5.47 -19.07
C ASN A 77 23.87 6.12 -17.69
N MET A 78 23.05 5.63 -16.78
CA MET A 78 22.87 6.21 -15.44
C MET A 78 24.11 6.30 -14.55
N GLN A 79 25.01 5.33 -14.71
CA GLN A 79 26.24 5.23 -13.91
C GLN A 79 27.06 6.51 -13.98
N GLY A 80 26.98 7.21 -15.10
CA GLY A 80 27.75 8.42 -15.28
C GLY A 80 27.03 9.69 -14.88
N PHE A 81 25.83 9.53 -14.32
CA PHE A 81 24.96 10.65 -13.99
C PHE A 81 24.58 10.70 -12.51
N THR A 82 25.40 10.07 -11.67
CA THR A 82 25.14 9.94 -10.24
C THR A 82 24.82 11.29 -9.56
N LYS A 83 25.66 12.28 -9.80
CA LYS A 83 25.46 13.60 -9.22
C LYS A 83 24.21 14.31 -9.76
N SER A 84 23.94 14.14 -11.05
CA SER A 84 22.77 14.76 -11.69
C SER A 84 21.46 14.16 -11.19
N LEU A 85 21.44 12.84 -11.04
CA LEU A 85 20.28 12.15 -10.47
C LEU A 85 19.91 12.72 -9.10
N ASN A 86 20.93 12.91 -8.25
CA ASN A 86 20.72 13.49 -6.94
C ASN A 86 20.26 14.95 -7.01
N ALA A 87 20.86 15.71 -7.94
CA ALA A 87 20.56 17.15 -8.05
C ALA A 87 19.16 17.38 -8.57
N PHE A 88 18.74 16.55 -9.51
CA PHE A 88 17.44 16.73 -10.15
C PHE A 88 16.35 15.88 -9.51
N ASN A 89 16.73 15.11 -8.49
CA ASN A 89 15.82 14.25 -7.74
C ASN A 89 15.19 13.17 -8.62
N VAL A 90 16.03 12.50 -9.39
CA VAL A 90 15.58 11.41 -10.25
C VAL A 90 16.26 10.14 -9.74
N GLY A 91 15.50 9.04 -9.73
CA GLY A 91 16.07 7.75 -9.34
C GLY A 91 15.30 6.98 -8.28
N ASP A 92 14.42 7.67 -7.53
CA ASP A 92 13.69 7.05 -6.42
C ASP A 92 12.16 7.03 -6.67
N ASP A 93 11.42 8.03 -6.17
CA ASP A 93 10.01 8.22 -6.54
C ASP A 93 9.89 8.48 -8.04
N CYS A 94 10.96 9.01 -8.63
CA CYS A 94 10.94 9.36 -10.02
C CYS A 94 12.04 8.62 -10.77
N PRO A 95 11.80 7.35 -11.11
CA PRO A 95 12.91 6.56 -11.64
C PRO A 95 13.20 6.90 -13.08
N VAL A 96 14.34 6.42 -13.58
CA VAL A 96 14.64 6.42 -15.00
C VAL A 96 14.04 5.17 -15.66
N PHE A 97 13.17 5.35 -16.64
CA PHE A 97 12.58 4.21 -17.36
C PHE A 97 12.62 4.50 -18.86
N PRO A 98 12.54 3.47 -19.71
CA PRO A 98 12.61 3.72 -21.15
C PRO A 98 11.42 4.53 -21.63
N GLY A 99 11.67 5.59 -22.39
CA GLY A 99 10.59 6.43 -22.95
C GLY A 99 10.12 7.55 -22.02
N LEU A 100 10.91 7.80 -20.98
CA LEU A 100 10.56 8.79 -19.98
C LEU A 100 10.22 10.14 -20.62
N PHE A 101 11.11 10.66 -21.47
CA PHE A 101 10.86 11.99 -22.07
C PHE A 101 9.65 12.00 -23.02
N GLU A 102 9.52 10.98 -23.86
CA GLU A 102 8.32 10.83 -24.69
C GLU A 102 7.05 10.87 -23.87
N PHE A 103 7.00 10.13 -22.76
CA PHE A 103 5.83 10.14 -21.87
C PHE A 103 5.52 11.57 -21.35
N CYS A 104 6.55 12.28 -20.88
CA CYS A 104 6.40 13.67 -20.41
C CYS A 104 5.86 14.61 -21.49
N SER A 105 6.46 14.52 -22.68
CA SER A 105 6.03 15.28 -23.84
C SER A 105 4.57 14.98 -24.17
N ARG A 106 4.20 13.70 -24.08
CA ARG A 106 2.86 13.26 -24.44
C ARG A 106 1.80 13.77 -23.47
N TYR A 107 1.99 13.57 -22.17
CA TYR A 107 1.02 14.11 -21.19
C TYR A 107 0.96 15.65 -21.09
N THR A 108 2.11 16.31 -21.20
CA THR A 108 2.18 17.78 -21.15
C THR A 108 1.48 18.42 -22.37
N GLY A 109 1.79 17.90 -23.56
CA GLY A 109 1.21 18.37 -24.80
C GLY A 109 -0.30 18.47 -24.77
N ALA A 110 -0.94 17.46 -24.19
CA ALA A 110 -2.41 17.38 -24.15
C ALA A 110 -2.98 18.43 -23.20
N SER A 111 -2.28 18.65 -22.09
CA SER A 111 -2.67 19.73 -21.17
C SER A 111 -2.60 21.12 -21.85
N LEU A 112 -1.52 21.35 -22.57
CA LEU A 112 -1.29 22.59 -23.27
C LEU A 112 -2.33 22.83 -24.38
N GLN A 113 -2.59 21.79 -25.18
CA GLN A 113 -3.64 21.86 -26.20
C GLN A 113 -5.04 22.13 -25.62
N GLY A 114 -5.36 21.53 -24.48
CA GLY A 114 -6.58 21.81 -23.76
C GLY A 114 -6.71 23.28 -23.37
N ALA A 115 -5.63 23.85 -22.83
CA ALA A 115 -5.55 25.25 -22.43
C ALA A 115 -5.76 26.17 -23.64
N THR A 116 -5.06 25.83 -24.71
CA THR A 116 -5.14 26.47 -26.01
C THR A 116 -6.57 26.51 -26.60
N GLN A 117 -7.27 25.37 -26.56
CA GLN A 117 -8.63 25.26 -27.04
C GLN A 117 -9.65 26.00 -26.17
N LEU A 118 -9.43 26.01 -24.85
CA LEU A 118 -10.25 26.84 -23.97
C LEU A 118 -10.02 28.34 -24.26
N ASN A 119 -8.76 28.73 -24.39
CA ASN A 119 -8.43 30.10 -24.80
C ASN A 119 -9.10 30.52 -26.10
N ASN A 120 -9.06 29.63 -27.09
CA ASN A 120 -9.66 29.88 -28.39
C ASN A 120 -11.17 29.72 -28.46
N LYS A 121 -11.78 29.33 -27.34
CA LYS A 121 -13.19 28.96 -27.32
C LYS A 121 -13.57 27.89 -28.35
N ILE A 122 -12.64 26.95 -28.58
CA ILE A 122 -12.90 25.75 -29.36
C ILE A 122 -13.80 24.80 -28.56
N CYS A 123 -13.75 24.90 -27.23
CA CYS A 123 -14.59 24.08 -26.36
C CYS A 123 -14.93 24.79 -25.04
N ASP A 124 -15.83 24.17 -24.26
CA ASP A 124 -16.21 24.66 -22.94
C ASP A 124 -15.48 23.86 -21.85
N ILE A 125 -15.14 22.63 -22.17
CA ILE A 125 -14.54 21.70 -21.23
C ILE A 125 -13.52 20.88 -22.02
N ALA A 126 -12.29 20.81 -21.52
CA ALA A 126 -11.26 20.03 -22.15
C ALA A 126 -10.77 19.00 -21.15
N ILE A 127 -10.64 17.75 -21.59
CA ILE A 127 -10.26 16.64 -20.71
C ILE A 127 -8.95 16.00 -21.13
N ASN A 128 -8.00 15.95 -20.20
CA ASN A 128 -6.76 15.22 -20.38
C ASN A 128 -6.46 14.38 -19.15
N TRP A 129 -6.93 13.14 -19.16
CA TRP A 129 -6.72 12.25 -18.01
C TRP A 129 -5.27 11.93 -17.79
N ALA A 130 -4.45 12.11 -18.83
CA ALA A 130 -3.03 11.83 -18.74
C ALA A 130 -2.23 12.88 -17.94
N GLY A 131 -2.83 14.03 -17.68
CA GLY A 131 -2.10 15.15 -17.08
C GLY A 131 -2.36 15.29 -15.60
N GLY A 132 -1.92 16.40 -15.02
CA GLY A 132 -2.24 16.67 -13.63
C GLY A 132 -1.11 16.26 -12.72
N LEU A 133 0.11 16.29 -13.23
CA LEU A 133 1.26 15.87 -12.46
C LEU A 133 1.78 17.02 -11.59
N HIS A 134 1.07 17.27 -10.50
CA HIS A 134 1.17 18.52 -9.76
C HIS A 134 2.38 18.71 -8.87
N HIS A 135 3.24 17.68 -8.71
CA HIS A 135 4.37 17.78 -7.77
C HIS A 135 5.67 18.33 -8.32
N ALA A 136 5.82 18.23 -9.63
CA ALA A 136 7.07 18.61 -10.31
C ALA A 136 7.42 20.08 -10.07
N LYS A 137 8.68 20.34 -9.78
CA LYS A 137 9.18 21.69 -9.48
C LYS A 137 10.04 22.23 -10.62
N LYS A 138 10.44 23.50 -10.52
CA LYS A 138 11.18 24.19 -11.57
C LYS A 138 12.40 23.41 -12.05
N PHE A 139 13.24 22.96 -11.12
CA PHE A 139 14.41 22.14 -11.51
C PHE A 139 14.57 20.82 -10.75
N GLU A 140 13.46 20.21 -10.36
CA GLU A 140 13.54 18.88 -9.77
C GLU A 140 12.28 18.06 -9.99
N ALA A 141 12.47 16.76 -10.21
CA ALA A 141 11.37 15.81 -10.23
C ALA A 141 10.86 15.61 -8.81
N SER A 142 9.60 15.22 -8.68
CA SER A 142 9.04 14.93 -7.36
C SER A 142 7.74 14.14 -7.43
N GLY A 143 7.59 13.18 -6.52
CA GLY A 143 6.31 12.50 -6.33
C GLY A 143 5.73 11.87 -7.59
N PHE A 144 6.57 11.14 -8.32
CA PHE A 144 6.17 10.47 -9.58
C PHE A 144 6.00 11.43 -10.78
N CYS A 145 6.16 12.73 -10.54
CA CYS A 145 5.97 13.76 -11.57
C CYS A 145 7.29 14.37 -12.01
N TYR A 146 7.49 14.46 -13.32
CA TYR A 146 8.72 15.03 -13.90
C TYR A 146 8.50 16.44 -14.44
N VAL A 147 7.43 16.61 -15.20
CA VAL A 147 7.14 17.89 -15.84
C VAL A 147 5.78 18.31 -15.32
N ASN A 148 5.70 19.55 -14.85
CA ASN A 148 4.47 20.06 -14.27
C ASN A 148 3.57 20.63 -15.36
N ASP A 149 2.83 19.73 -16.01
CA ASP A 149 1.98 20.09 -17.13
C ASP A 149 0.89 21.08 -16.69
N ILE A 150 0.50 21.02 -15.43
CA ILE A 150 -0.50 21.94 -14.89
C ILE A 150 0.00 23.39 -14.96
N VAL A 151 1.23 23.64 -14.53
CA VAL A 151 1.74 25.01 -14.47
C VAL A 151 1.91 25.53 -15.90
N ILE A 152 2.48 24.70 -16.77
CA ILE A 152 2.60 25.00 -18.19
C ILE A 152 1.27 25.37 -18.84
N GLY A 153 0.22 24.64 -18.47
CA GLY A 153 -1.11 24.89 -18.99
C GLY A 153 -1.73 26.17 -18.45
N ILE A 154 -1.57 26.41 -17.15
CA ILE A 154 -2.08 27.63 -16.52
C ILE A 154 -1.35 28.88 -17.05
N LEU A 155 -0.03 28.77 -17.29
CA LEU A 155 0.72 29.85 -17.97
C LEU A 155 0.03 30.23 -19.28
N GLU A 156 -0.36 29.21 -20.06
CA GLU A 156 -1.07 29.44 -21.32
C GLU A 156 -2.41 30.14 -21.11
N LEU A 157 -3.16 29.72 -20.11
CA LEU A 157 -4.45 30.33 -19.81
C LEU A 157 -4.29 31.79 -19.45
N LEU A 158 -3.24 32.12 -18.69
CA LEU A 158 -2.98 33.50 -18.26
C LEU A 158 -2.74 34.51 -19.39
N LYS A 159 -2.52 34.02 -20.61
CA LYS A 159 -2.39 34.93 -21.75
C LYS A 159 -3.70 35.67 -21.98
N TYR A 160 -4.82 34.98 -21.75
CA TYR A 160 -6.15 35.55 -21.93
C TYR A 160 -6.92 35.74 -20.63
N HIS A 161 -6.68 34.90 -19.62
CA HIS A 161 -7.47 34.94 -18.39
C HIS A 161 -6.79 35.70 -17.27
N PRO A 162 -7.47 36.73 -16.71
CA PRO A 162 -6.87 37.51 -15.63
C PRO A 162 -6.80 36.71 -14.33
N ARG A 163 -7.79 35.82 -14.12
CA ARG A 163 -7.94 35.05 -12.89
C ARG A 163 -8.26 33.57 -13.21
N VAL A 164 -7.38 32.67 -12.77
CA VAL A 164 -7.53 31.23 -12.95
C VAL A 164 -7.66 30.56 -11.58
N LEU A 165 -8.75 29.82 -11.38
CA LEU A 165 -8.92 29.01 -10.18
C LEU A 165 -8.38 27.60 -10.40
N TYR A 166 -7.42 27.19 -9.57
CA TYR A 166 -6.90 25.81 -9.59
C TYR A 166 -7.46 25.02 -8.41
N ILE A 167 -8.12 23.91 -8.71
CA ILE A 167 -8.73 23.04 -7.69
C ILE A 167 -8.10 21.65 -7.77
N ASP A 168 -7.59 21.17 -6.64
CA ASP A 168 -6.80 19.94 -6.62
C ASP A 168 -7.42 18.94 -5.64
N ILE A 169 -8.01 17.88 -6.20
CA ILE A 169 -8.75 16.81 -5.48
C ILE A 169 -7.94 15.53 -5.18
N ASP A 170 -6.72 15.46 -5.72
CA ASP A 170 -5.77 14.39 -5.41
C ASP A 170 -5.58 14.32 -3.89
N ILE A 171 -5.30 13.14 -3.33
CA ILE A 171 -5.10 13.03 -1.88
C ILE A 171 -3.86 13.81 -1.40
N HIS A 172 -2.94 14.08 -2.32
CA HIS A 172 -1.69 14.75 -1.99
C HIS A 172 -1.78 16.22 -2.21
N HIS A 173 -1.10 16.99 -1.36
CA HIS A 173 -1.01 18.44 -1.49
C HIS A 173 -0.41 18.80 -2.83
N GLY A 174 -1.06 19.69 -3.57
CA GLY A 174 -0.55 20.15 -4.87
C GLY A 174 0.54 21.21 -4.74
N ASP A 175 1.70 20.80 -4.25
CA ASP A 175 2.77 21.72 -3.85
C ASP A 175 3.48 22.40 -5.01
N GLY A 176 3.64 21.68 -6.13
CA GLY A 176 4.34 22.20 -7.30
C GLY A 176 3.57 23.36 -7.94
N VAL A 177 2.26 23.22 -8.00
CA VAL A 177 1.43 24.26 -8.58
C VAL A 177 1.36 25.44 -7.60
N GLN A 178 1.15 25.12 -6.31
CA GLN A 178 1.11 26.13 -5.27
C GLN A 178 2.37 26.97 -5.19
N GLU A 179 3.53 26.34 -5.40
CA GLU A 179 4.81 27.04 -5.35
C GLU A 179 4.97 28.00 -6.52
N ALA A 180 4.64 27.54 -7.72
CA ALA A 180 4.82 28.31 -8.94
C ALA A 180 4.04 29.62 -8.90
N PHE A 181 2.91 29.60 -8.21
CA PHE A 181 1.98 30.71 -8.23
C PHE A 181 1.73 31.33 -6.84
N TYR A 182 2.59 31.01 -5.87
CA TYR A 182 2.43 31.48 -4.48
C TYR A 182 2.42 33.01 -4.33
N LEU A 183 3.17 33.69 -5.19
CA LEU A 183 3.38 35.13 -5.06
C LEU A 183 2.44 35.95 -5.95
N THR A 184 1.46 35.33 -6.58
CA THR A 184 0.59 36.06 -7.49
C THR A 184 -0.91 35.91 -7.16
N ASP A 185 -1.72 36.92 -7.46
CA ASP A 185 -3.16 36.80 -7.27
C ASP A 185 -3.89 36.38 -8.54
N ARG A 186 -3.11 36.16 -9.60
CA ARG A 186 -3.68 35.79 -10.89
C ARG A 186 -4.04 34.31 -11.01
N VAL A 187 -3.51 33.48 -10.10
CA VAL A 187 -3.97 32.10 -9.99
C VAL A 187 -4.26 31.84 -8.52
N MET A 188 -5.48 31.37 -8.25
CA MET A 188 -5.80 30.93 -6.91
C MET A 188 -5.75 29.41 -6.82
N THR A 189 -4.90 28.88 -5.94
CA THR A 189 -4.74 27.44 -5.79
C THR A 189 -5.46 26.95 -4.55
N VAL A 190 -6.42 26.03 -4.75
CA VAL A 190 -7.15 25.41 -3.64
C VAL A 190 -6.87 23.90 -3.61
N SER A 191 -6.30 23.44 -2.50
CA SER A 191 -5.97 22.02 -2.39
C SER A 191 -6.60 21.36 -1.15
N PHE A 192 -7.29 20.25 -1.40
CA PHE A 192 -7.79 19.37 -0.32
C PHE A 192 -6.88 18.16 -0.26
N HIS A 193 -6.37 17.83 0.92
CA HIS A 193 -5.37 16.75 1.02
C HIS A 193 -5.20 16.20 2.40
N LYS A 194 -4.74 14.96 2.45
CA LYS A 194 -4.29 14.36 3.69
C LYS A 194 -3.05 15.13 4.15
N TYR A 195 -3.10 15.62 5.38
CA TYR A 195 -1.97 16.29 5.99
C TYR A 195 -1.67 15.74 7.39
N GLY A 196 -0.38 15.54 7.67
CA GLY A 196 0.04 15.13 9.00
C GLY A 196 0.85 13.85 9.00
N ASN A 197 1.69 13.67 10.02
CA ASN A 197 2.51 12.47 10.18
C ASN A 197 3.44 12.23 8.98
N TYR A 198 4.01 13.31 8.47
CA TYR A 198 4.92 13.30 7.33
C TYR A 198 4.42 12.61 6.06
N PHE A 199 3.11 12.49 5.90
CA PHE A 199 2.51 11.97 4.67
C PHE A 199 2.91 12.92 3.52
N PHE A 200 3.44 12.35 2.44
CA PHE A 200 4.02 13.11 1.33
C PHE A 200 3.05 14.19 0.83
N PRO A 201 3.57 15.40 0.48
CA PRO A 201 4.96 15.86 0.56
C PRO A 201 5.31 16.51 1.90
N GLY A 202 4.36 16.54 2.84
CA GLY A 202 4.61 17.10 4.17
C GLY A 202 4.26 18.58 4.31
N THR A 203 3.60 19.14 3.29
CA THR A 203 3.27 20.56 3.26
C THR A 203 1.78 20.74 2.97
N GLY A 204 1.29 21.97 2.99
CA GLY A 204 -0.13 22.22 2.73
C GLY A 204 -0.88 22.38 4.04
N ASP A 205 -0.13 22.84 5.02
CA ASP A 205 -0.59 23.40 6.27
C ASP A 205 -1.62 24.51 6.02
N MET A 206 -2.59 24.62 6.90
CA MET A 206 -3.66 25.62 6.78
C MET A 206 -3.15 27.07 6.81
N TYR A 207 -1.96 27.29 7.34
CA TYR A 207 -1.38 28.63 7.44
C TYR A 207 -0.62 29.06 6.18
N GLU A 208 -0.50 28.16 5.22
CA GLU A 208 0.08 28.50 3.92
C GLU A 208 -1.03 29.16 3.08
N VAL A 209 -1.00 30.48 3.03
CA VAL A 209 -2.07 31.25 2.37
C VAL A 209 -1.60 32.15 1.24
N GLY A 210 -0.31 32.11 0.92
CA GLY A 210 0.25 32.96 -0.11
C GLY A 210 1.16 34.03 0.48
N ALA A 211 1.90 34.70 -0.39
CA ALA A 211 2.81 35.78 0.03
C ALA A 211 2.82 36.87 -1.02
N GLU A 212 3.37 38.04 -0.67
CA GLU A 212 3.38 39.22 -1.53
C GLU A 212 1.97 39.50 -2.05
N SER A 213 1.80 39.87 -3.31
CA SER A 213 0.43 40.12 -3.80
C SER A 213 -0.44 38.85 -3.85
N GLY A 214 0.17 37.69 -3.60
CA GLY A 214 -0.55 36.44 -3.58
C GLY A 214 -1.04 36.03 -2.21
N ARG A 215 -0.86 36.89 -1.21
CA ARG A 215 -1.34 36.57 0.13
C ARG A 215 -2.87 36.45 0.09
N TYR A 216 -3.38 35.33 0.59
CA TYR A 216 -4.82 34.99 0.57
C TYR A 216 -5.37 34.49 -0.77
N TYR A 217 -4.48 34.24 -1.71
CA TYR A 217 -4.89 33.63 -2.97
C TYR A 217 -4.39 32.20 -3.09
N CYS A 218 -4.06 31.62 -1.94
CA CYS A 218 -3.71 30.22 -1.85
C CYS A 218 -4.45 29.67 -0.64
N LEU A 219 -5.11 28.53 -0.82
CA LEU A 219 -5.95 27.93 0.21
C LEU A 219 -5.69 26.43 0.34
N ASN A 220 -5.34 25.99 1.55
CA ASN A 220 -5.11 24.58 1.87
C ASN A 220 -6.12 24.04 2.89
N VAL A 221 -6.71 22.88 2.56
CA VAL A 221 -7.64 22.20 3.44
C VAL A 221 -7.01 20.87 3.87
N PRO A 222 -6.34 20.87 5.04
CA PRO A 222 -5.64 19.69 5.53
C PRO A 222 -6.57 18.73 6.27
N LEU A 223 -6.56 17.46 5.87
CA LEU A 223 -7.46 16.45 6.42
C LEU A 223 -6.71 15.27 7.01
N ARG A 224 -7.40 14.55 7.90
CA ARG A 224 -6.88 13.31 8.46
C ARG A 224 -7.40 12.08 7.71
N ASP A 225 -6.92 10.91 8.11
CA ASP A 225 -7.29 9.61 7.50
C ASP A 225 -8.78 9.41 7.49
N GLY A 226 -9.27 8.77 6.43
CA GLY A 226 -10.59 8.18 6.42
C GLY A 226 -11.76 9.09 6.13
N ILE A 227 -11.52 10.26 5.55
CA ILE A 227 -12.63 11.15 5.19
C ILE A 227 -13.61 10.45 4.23
N ASP A 228 -14.90 10.63 4.46
CA ASP A 228 -15.93 9.94 3.69
C ASP A 228 -16.61 10.95 2.78
N ASP A 229 -17.51 10.48 1.92
CA ASP A 229 -18.21 11.33 0.95
C ASP A 229 -18.89 12.53 1.58
N GLN A 230 -19.75 12.24 2.56
CA GLN A 230 -20.63 13.24 3.18
C GLN A 230 -19.84 14.34 3.86
N SER A 231 -18.77 13.99 4.57
CA SER A 231 -17.94 14.97 5.27
C SER A 231 -17.17 15.83 4.28
N TYR A 232 -16.60 15.18 3.26
CA TYR A 232 -15.87 15.85 2.20
C TYR A 232 -16.74 16.87 1.46
N LYS A 233 -17.92 16.41 1.02
CA LYS A 233 -18.92 17.27 0.38
C LYS A 233 -19.29 18.49 1.25
N HIS A 234 -19.36 18.28 2.56
CA HIS A 234 -19.74 19.31 3.54
C HIS A 234 -18.72 20.42 3.65
N LEU A 235 -17.46 20.12 3.34
CA LEU A 235 -16.39 21.11 3.24
C LEU A 235 -16.28 21.65 1.81
N PHE A 236 -16.10 20.72 0.88
CA PHE A 236 -15.80 21.05 -0.51
C PHE A 236 -16.76 22.09 -1.12
N GLN A 237 -18.06 21.80 -1.04
CA GLN A 237 -19.05 22.63 -1.70
C GLN A 237 -19.13 24.07 -1.18
N PRO A 238 -19.27 24.26 0.16
CA PRO A 238 -19.18 25.61 0.74
C PRO A 238 -17.90 26.36 0.38
N VAL A 239 -16.75 25.70 0.50
CA VAL A 239 -15.45 26.34 0.22
C VAL A 239 -15.38 26.83 -1.22
N ILE A 240 -15.66 25.93 -2.16
CA ILE A 240 -15.58 26.22 -3.59
C ILE A 240 -16.60 27.30 -3.98
N ASN A 241 -17.82 27.17 -3.46
CA ASN A 241 -18.86 28.15 -3.75
C ASN A 241 -18.40 29.56 -3.38
N GLN A 242 -17.79 29.70 -2.21
CA GLN A 242 -17.36 31.00 -1.76
C GLN A 242 -16.10 31.48 -2.47
N VAL A 243 -15.24 30.53 -2.83
CA VAL A 243 -14.06 30.84 -3.64
C VAL A 243 -14.49 31.44 -4.98
N VAL A 244 -15.47 30.81 -5.63
CA VAL A 244 -15.95 31.29 -6.94
C VAL A 244 -16.59 32.69 -6.81
N ASP A 245 -17.43 32.86 -5.79
CA ASP A 245 -18.09 34.14 -5.53
C ASP A 245 -17.08 35.25 -5.31
N PHE A 246 -16.16 35.04 -4.37
CA PHE A 246 -15.20 36.07 -3.98
C PHE A 246 -14.13 36.34 -5.05
N TYR A 247 -13.56 35.28 -5.62
CA TYR A 247 -12.46 35.40 -6.56
C TYR A 247 -12.90 35.69 -7.99
N GLN A 248 -14.08 35.21 -8.38
CA GLN A 248 -14.61 35.36 -9.75
C GLN A 248 -13.65 34.94 -10.87
N PRO A 249 -13.22 33.65 -10.88
CA PRO A 249 -12.32 33.14 -11.92
C PRO A 249 -13.00 33.14 -13.27
N THR A 250 -12.23 33.38 -14.32
CA THR A 250 -12.76 33.33 -15.69
C THR A 250 -12.47 31.95 -16.33
N CYS A 251 -11.71 31.14 -15.61
CA CYS A 251 -11.34 29.78 -16.01
C CYS A 251 -11.00 28.93 -14.77
N ILE A 252 -11.38 27.67 -14.78
CA ILE A 252 -11.05 26.71 -13.70
C ILE A 252 -10.20 25.55 -14.23
N VAL A 253 -9.16 25.17 -13.48
CA VAL A 253 -8.36 23.98 -13.76
C VAL A 253 -8.58 22.97 -12.61
N LEU A 254 -9.15 21.82 -12.96
CA LEU A 254 -9.46 20.79 -11.97
C LEU A 254 -8.59 19.55 -12.13
N GLN A 255 -7.76 19.30 -11.11
CA GLN A 255 -6.95 18.10 -11.01
C GLN A 255 -7.76 17.06 -10.23
N CYS A 256 -8.05 15.93 -10.89
CA CYS A 256 -8.96 14.91 -10.35
C CYS A 256 -8.27 13.61 -9.90
N GLY A 257 -7.15 13.71 -9.20
CA GLY A 257 -6.45 12.52 -8.70
C GLY A 257 -7.40 11.53 -8.04
N ALA A 258 -7.37 10.28 -8.52
CA ALA A 258 -8.25 9.24 -8.00
C ALA A 258 -7.67 8.52 -6.77
N ASP A 259 -6.55 9.01 -6.23
CA ASP A 259 -5.95 8.42 -5.03
C ASP A 259 -6.63 8.87 -3.74
N SER A 260 -7.64 9.70 -3.87
CA SER A 260 -8.54 10.03 -2.76
C SER A 260 -9.71 9.04 -2.62
N LEU A 261 -9.74 8.03 -3.49
CA LEU A 261 -10.71 6.94 -3.38
C LEU A 261 -10.30 5.96 -2.30
N GLY A 262 -11.32 5.42 -1.62
CA GLY A 262 -11.14 4.24 -0.79
C GLY A 262 -10.39 3.12 -1.52
N CYS A 263 -9.61 2.35 -0.76
CA CYS A 263 -8.76 1.24 -1.28
C CYS A 263 -7.68 1.61 -2.28
N ASP A 264 -7.30 2.90 -2.33
CA ASP A 264 -6.18 3.28 -3.17
C ASP A 264 -4.91 2.68 -2.58
N ARG A 265 -3.98 2.28 -3.44
CA ARG A 265 -2.72 1.66 -3.01
C ARG A 265 -1.88 2.57 -2.10
N LEU A 266 -1.93 3.89 -2.33
CA LEU A 266 -1.15 4.83 -1.54
C LEU A 266 -2.00 5.66 -0.58
N GLY A 267 -3.25 5.92 -0.95
CA GLY A 267 -4.09 6.82 -0.17
C GLY A 267 -4.86 6.21 0.99
N CYS A 268 -5.28 7.07 1.93
CA CYS A 268 -5.93 6.65 3.15
C CYS A 268 -7.31 7.31 3.34
N PHE A 269 -7.89 7.82 2.25
CA PHE A 269 -9.23 8.42 2.27
C PHE A 269 -10.28 7.37 1.93
N ASN A 270 -11.54 7.70 2.19
CA ASN A 270 -12.66 6.77 2.01
C ASN A 270 -13.75 7.35 1.12
N LEU A 271 -13.37 7.97 0.01
CA LEU A 271 -14.35 8.45 -0.97
C LEU A 271 -14.76 7.34 -1.96
N SER A 272 -16.05 7.29 -2.27
CA SER A 272 -16.57 6.39 -3.29
C SER A 272 -16.36 7.03 -4.66
N ILE A 273 -16.50 6.26 -5.74
CA ILE A 273 -16.46 6.82 -7.08
C ILE A 273 -17.56 7.90 -7.25
N ARG A 274 -18.76 7.61 -6.76
CA ARG A 274 -19.84 8.61 -6.77
C ARG A 274 -19.47 9.91 -6.04
N GLY A 275 -18.81 9.78 -4.88
CA GLY A 275 -18.47 10.95 -4.07
C GLY A 275 -17.48 11.85 -4.78
N HIS A 276 -16.48 11.21 -5.38
CA HIS A 276 -15.42 11.85 -6.14
C HIS A 276 -15.99 12.56 -7.34
N GLY A 277 -16.94 11.90 -8.01
CA GLY A 277 -17.67 12.47 -9.15
C GLY A 277 -18.57 13.64 -8.79
N GLU A 278 -19.08 13.65 -7.55
CA GLU A 278 -19.88 14.77 -7.05
C GLU A 278 -19.08 16.08 -7.02
N CYS A 279 -17.78 15.97 -6.77
CA CYS A 279 -16.89 17.11 -6.81
C CYS A 279 -16.72 17.68 -8.23
N VAL A 280 -16.52 16.77 -9.19
CA VAL A 280 -16.35 17.12 -10.61
C VAL A 280 -17.61 17.78 -11.17
N GLU A 281 -18.75 17.15 -10.90
CA GLU A 281 -20.05 17.69 -11.31
C GLU A 281 -20.36 19.06 -10.68
N TYR A 282 -20.00 19.25 -9.41
CA TYR A 282 -20.19 20.54 -8.75
C TYR A 282 -19.34 21.64 -9.39
N VAL A 283 -18.10 21.33 -9.76
CA VAL A 283 -17.26 22.29 -10.47
C VAL A 283 -17.87 22.61 -11.84
N LYS A 284 -18.40 21.60 -12.50
CA LYS A 284 -19.02 21.76 -13.80
C LYS A 284 -20.25 22.70 -13.77
N SER A 285 -21.01 22.63 -12.69
CA SER A 285 -22.22 23.42 -12.49
C SER A 285 -22.03 24.94 -12.58
N PHE A 286 -20.83 25.43 -12.33
CA PHE A 286 -20.59 26.87 -12.35
C PHE A 286 -20.57 27.47 -13.75
N ASN A 287 -20.52 26.61 -14.76
CA ASN A 287 -20.47 27.00 -16.17
C ASN A 287 -19.33 27.98 -16.48
N ILE A 288 -18.16 27.72 -15.90
CA ILE A 288 -16.95 28.48 -16.18
C ILE A 288 -16.00 27.59 -17.01
N PRO A 289 -15.35 28.13 -18.07
CA PRO A 289 -14.46 27.27 -18.88
C PRO A 289 -13.56 26.40 -17.99
N LEU A 290 -13.47 25.12 -18.33
CA LEU A 290 -12.98 24.08 -17.45
C LEU A 290 -11.94 23.15 -18.09
N LEU A 291 -10.75 23.12 -17.52
CA LEU A 291 -9.74 22.14 -17.93
C LEU A 291 -9.70 21.03 -16.87
N VAL A 292 -9.91 19.79 -17.28
CA VAL A 292 -10.03 18.65 -16.38
C VAL A 292 -8.86 17.73 -16.59
N LEU A 293 -8.09 17.51 -15.52
CA LEU A 293 -6.88 16.68 -15.58
C LEU A 293 -7.00 15.48 -14.66
N GLY A 294 -6.18 14.45 -14.89
CA GLY A 294 -6.11 13.29 -14.02
C GLY A 294 -5.17 13.60 -12.89
N GLY A 295 -4.27 12.67 -12.58
CA GLY A 295 -3.29 12.89 -11.52
C GLY A 295 -2.97 11.55 -10.89
N GLY A 296 -3.01 11.50 -9.56
CA GLY A 296 -2.73 10.25 -8.87
C GLY A 296 -3.81 9.22 -9.09
N GLY A 297 -3.63 8.04 -8.53
CA GLY A 297 -4.57 6.93 -8.71
C GLY A 297 -3.72 5.69 -8.91
N TYR A 298 -3.75 4.81 -7.91
CA TYR A 298 -2.80 3.70 -7.85
C TYR A 298 -3.46 2.31 -7.63
N THR A 299 -4.79 2.27 -7.62
CA THR A 299 -5.51 1.01 -7.83
C THR A 299 -6.09 1.06 -9.22
N VAL A 300 -5.32 0.54 -10.18
CA VAL A 300 -5.56 0.73 -11.60
C VAL A 300 -7.00 0.47 -12.00
N ARG A 301 -7.57 -0.65 -11.53
CA ARG A 301 -8.93 -1.01 -11.88
C ARG A 301 -9.96 0.04 -11.41
N ASN A 302 -9.71 0.67 -10.26
CA ASN A 302 -10.65 1.67 -9.78
C ASN A 302 -10.46 3.03 -10.43
N VAL A 303 -9.21 3.34 -10.81
CA VAL A 303 -8.87 4.63 -11.43
C VAL A 303 -9.55 4.78 -12.78
N ALA A 304 -9.40 3.75 -13.63
CA ALA A 304 -10.02 3.72 -14.95
C ALA A 304 -11.52 3.94 -14.87
N ARG A 305 -12.17 3.33 -13.88
CA ARG A 305 -13.63 3.46 -13.71
C ARG A 305 -14.05 4.83 -13.21
N CYS A 306 -13.31 5.36 -12.24
CA CYS A 306 -13.54 6.71 -11.71
C CYS A 306 -13.56 7.74 -12.86
N TRP A 307 -12.48 7.77 -13.63
CA TRP A 307 -12.37 8.72 -14.74
C TRP A 307 -13.32 8.48 -15.88
N THR A 308 -13.74 7.22 -16.08
CA THR A 308 -14.78 6.92 -17.07
C THR A 308 -16.11 7.52 -16.59
N TYR A 309 -16.47 7.27 -15.34
CA TYR A 309 -17.68 7.82 -14.74
C TYR A 309 -17.69 9.35 -14.73
N GLU A 310 -16.54 9.95 -14.47
CA GLU A 310 -16.45 11.39 -14.50
C GLU A 310 -16.60 11.96 -15.93
N THR A 311 -16.05 11.24 -16.91
CA THR A 311 -16.27 11.59 -18.30
C THR A 311 -17.78 11.65 -18.62
N SER A 312 -18.53 10.63 -18.18
CA SER A 312 -19.95 10.55 -18.47
C SER A 312 -20.70 11.71 -17.82
N LEU A 313 -20.29 12.10 -16.62
CA LEU A 313 -20.86 13.30 -15.95
C LEU A 313 -20.56 14.58 -16.72
N LEU A 314 -19.33 14.69 -17.21
CA LEU A 314 -18.92 15.92 -17.88
C LEU A 314 -19.67 16.07 -19.18
N VAL A 315 -20.04 14.93 -19.76
CA VAL A 315 -20.73 14.88 -21.02
C VAL A 315 -22.25 14.75 -20.84
N GLU A 316 -22.71 14.73 -19.59
CA GLU A 316 -24.13 14.62 -19.23
C GLU A 316 -24.79 13.38 -19.84
N GLU A 317 -24.18 12.22 -19.60
CA GLU A 317 -24.65 10.95 -20.11
C GLU A 317 -24.68 9.92 -18.99
N ALA A 318 -25.86 9.37 -18.70
CA ALA A 318 -25.99 8.30 -17.71
C ALA A 318 -25.68 6.93 -18.33
N ILE A 319 -24.53 6.37 -18.02
CA ILE A 319 -24.10 5.09 -18.58
C ILE A 319 -24.45 3.94 -17.60
N SER A 320 -24.58 2.73 -18.13
CA SER A 320 -24.98 1.58 -17.32
C SER A 320 -23.93 1.19 -16.28
N GLU A 321 -24.41 0.69 -15.14
CA GLU A 321 -23.55 0.13 -14.09
C GLU A 321 -22.73 -1.03 -14.61
N GLU A 322 -23.20 -1.67 -15.67
CA GLU A 322 -22.53 -2.83 -16.23
C GLU A 322 -21.45 -2.38 -17.19
N LEU A 323 -20.24 -2.89 -17.00
CA LEU A 323 -19.13 -2.55 -17.89
C LEU A 323 -19.27 -3.29 -19.20
N PRO A 324 -19.07 -2.58 -20.32
CA PRO A 324 -19.13 -3.28 -21.60
C PRO A 324 -17.89 -4.13 -21.80
N TYR A 325 -18.03 -5.24 -22.52
CA TYR A 325 -16.92 -6.14 -22.80
C TYR A 325 -15.84 -5.43 -23.63
N SER A 326 -14.59 -5.77 -23.36
CA SER A 326 -13.44 -5.17 -24.03
C SER A 326 -12.21 -5.99 -23.75
N GLU A 327 -11.09 -5.53 -24.30
CA GLU A 327 -9.80 -6.19 -24.15
C GLU A 327 -9.31 -6.23 -22.70
N TYR A 328 -9.80 -5.31 -21.87
CA TYR A 328 -9.37 -5.25 -20.47
C TYR A 328 -10.47 -5.70 -19.47
N PHE A 329 -11.49 -6.41 -19.96
CA PHE A 329 -12.64 -6.81 -19.14
C PHE A 329 -12.25 -7.49 -17.82
N GLU A 330 -11.26 -8.38 -17.88
CA GLU A 330 -10.79 -9.17 -16.73
C GLU A 330 -10.17 -8.34 -15.59
N TYR A 331 -9.69 -7.14 -15.91
CA TYR A 331 -9.20 -6.22 -14.87
C TYR A 331 -10.31 -5.83 -13.88
N PHE A 332 -11.57 -5.97 -14.29
CA PHE A 332 -12.66 -5.53 -13.46
C PHE A 332 -13.39 -6.63 -12.66
N ALA A 333 -12.82 -7.84 -12.70
CA ALA A 333 -13.26 -8.96 -11.86
C ALA A 333 -13.19 -8.62 -10.36
N PRO A 334 -14.10 -9.17 -9.54
CA PRO A 334 -15.17 -10.12 -9.88
C PRO A 334 -16.50 -9.48 -10.22
N ASP A 335 -16.64 -8.19 -9.95
CA ASP A 335 -17.90 -7.48 -10.10
C ASP A 335 -18.23 -7.02 -11.52
N PHE A 336 -17.22 -6.65 -12.31
CA PHE A 336 -17.43 -6.12 -13.69
C PHE A 336 -18.42 -4.97 -13.75
N THR A 337 -18.36 -4.13 -12.73
CA THR A 337 -19.32 -3.05 -12.53
C THR A 337 -18.62 -1.67 -12.56
N LEU A 338 -19.35 -0.64 -12.93
CA LEU A 338 -18.79 0.71 -12.98
C LEU A 338 -18.51 1.28 -11.57
N HIS A 339 -19.36 0.92 -10.62
CA HIS A 339 -19.33 1.43 -9.26
C HIS A 339 -19.07 0.36 -8.22
N PRO A 340 -17.85 -0.21 -8.20
CA PRO A 340 -17.66 -1.24 -7.18
C PRO A 340 -17.59 -0.60 -5.79
N ASP A 341 -17.78 -1.41 -4.76
CA ASP A 341 -17.59 -1.00 -3.39
C ASP A 341 -16.09 -0.77 -3.15
N VAL A 342 -15.73 0.46 -2.81
CA VAL A 342 -14.34 0.79 -2.50
C VAL A 342 -14.17 1.29 -1.05
N SER A 343 -15.24 1.16 -0.25
CA SER A 343 -15.21 1.42 1.19
C SER A 343 -14.02 0.82 1.92
N THR A 344 -13.38 1.61 2.76
CA THR A 344 -12.25 1.11 3.53
C THR A 344 -12.75 0.26 4.69
N ARG A 345 -13.92 0.64 5.24
CA ARG A 345 -14.50 0.10 6.48
C ARG A 345 -13.53 0.30 7.65
N ILE A 346 -12.77 1.38 7.57
CA ILE A 346 -11.79 1.81 8.58
C ILE A 346 -12.30 3.12 9.17
N GLU A 347 -12.06 3.36 10.46
CA GLU A 347 -12.59 4.54 11.16
C GLU A 347 -12.14 5.87 10.55
N ASN A 348 -13.10 6.77 10.36
CA ASN A 348 -12.84 8.13 9.91
C ASN A 348 -12.15 8.92 11.03
N GLN A 349 -10.92 9.38 10.77
CA GLN A 349 -10.16 10.16 11.76
C GLN A 349 -10.49 11.66 11.83
N ASN A 350 -11.44 12.10 11.02
CA ASN A 350 -11.86 13.51 10.97
C ASN A 350 -13.07 13.75 11.87
N SER A 351 -12.80 14.06 13.14
CA SER A 351 -13.88 14.37 14.10
C SER A 351 -14.61 15.66 13.72
N ARG A 352 -15.86 15.78 14.13
CA ARG A 352 -16.66 16.98 13.88
C ARG A 352 -15.98 18.26 14.39
N GLN A 353 -15.32 18.17 15.54
CA GLN A 353 -14.55 19.29 16.11
C GLN A 353 -13.44 19.71 15.16
N TYR A 354 -12.64 18.74 14.74
CA TYR A 354 -11.53 18.99 13.83
C TYR A 354 -12.00 19.72 12.57
N LEU A 355 -13.07 19.21 11.96
CA LEU A 355 -13.61 19.79 10.74
C LEU A 355 -14.16 21.21 10.93
N ASP A 356 -14.72 21.49 12.10
CA ASP A 356 -15.22 22.84 12.38
C ASP A 356 -14.09 23.82 12.67
N GLN A 357 -13.08 23.37 13.42
CA GLN A 357 -11.86 24.12 13.61
C GLN A 357 -11.24 24.45 12.25
N ILE A 358 -11.24 23.47 11.35
CA ILE A 358 -10.79 23.63 9.96
C ILE A 358 -11.69 24.62 9.23
N ARG A 359 -13.00 24.36 9.25
CA ARG A 359 -14.01 25.22 8.61
C ARG A 359 -13.84 26.69 8.95
N GLN A 360 -13.64 26.98 10.24
CA GLN A 360 -13.62 28.35 10.73
C GLN A 360 -12.39 29.15 10.28
N THR A 361 -11.22 28.50 10.19
CA THR A 361 -10.00 29.16 9.72
C THR A 361 -10.04 29.40 8.21
N ILE A 362 -10.66 28.48 7.47
CA ILE A 362 -10.80 28.62 6.03
C ILE A 362 -11.67 29.83 5.70
N PHE A 363 -12.82 29.94 6.36
CA PHE A 363 -13.72 31.04 6.04
C PHE A 363 -13.20 32.38 6.54
N GLU A 364 -12.36 32.36 7.57
CA GLU A 364 -11.67 33.54 8.03
C GLU A 364 -10.68 34.00 6.96
N ASN A 365 -9.91 33.06 6.41
CA ASN A 365 -8.99 33.38 5.32
C ASN A 365 -9.72 33.93 4.10
N LEU A 366 -10.85 33.34 3.77
CA LEU A 366 -11.65 33.72 2.63
C LEU A 366 -12.21 35.12 2.74
N LYS A 367 -12.48 35.55 3.98
CA LYS A 367 -12.99 36.90 4.26
C LYS A 367 -12.09 37.97 3.67
N MET A 368 -10.78 37.69 3.63
CA MET A 368 -9.79 38.62 3.10
C MET A 368 -9.94 38.98 1.61
N LEU A 369 -10.70 38.18 0.87
CA LEU A 369 -11.01 38.48 -0.53
C LEU A 369 -12.39 39.09 -0.70
N ASN A 370 -12.95 39.60 0.40
CA ASN A 370 -14.32 40.12 0.47
C ASN A 370 -15.38 39.02 0.45
N ALA B 2 26.06 -6.58 1.04
CA ALA B 2 25.51 -6.59 -0.35
C ALA B 2 24.06 -7.07 -0.36
N LYS B 3 23.54 -7.39 0.82
CA LYS B 3 22.18 -7.92 0.98
C LYS B 3 21.19 -6.82 1.35
N THR B 4 20.15 -6.65 0.51
CA THR B 4 19.13 -5.63 0.74
C THR B 4 18.03 -6.18 1.61
N VAL B 5 17.78 -5.49 2.72
CA VAL B 5 16.80 -5.94 3.70
C VAL B 5 15.70 -4.88 3.80
N ALA B 6 14.47 -5.27 3.50
CA ALA B 6 13.32 -4.40 3.67
C ALA B 6 12.60 -4.71 4.98
N TYR B 7 12.30 -3.64 5.73
CA TYR B 7 11.61 -3.71 7.00
C TYR B 7 10.34 -2.88 6.94
N PHE B 8 9.23 -3.50 7.31
CA PHE B 8 7.94 -2.83 7.32
C PHE B 8 7.59 -2.28 8.69
N TYR B 9 7.58 -0.95 8.76
CA TYR B 9 7.31 -0.22 9.99
C TYR B 9 6.00 0.54 9.86
N ASP B 10 4.96 -0.02 10.48
CA ASP B 10 3.66 0.62 10.51
C ASP B 10 3.46 1.22 11.90
N PRO B 11 3.53 2.57 12.02
CA PRO B 11 3.38 3.22 13.32
C PRO B 11 2.02 3.03 14.00
N ASP B 12 1.04 2.49 13.28
CA ASP B 12 -0.32 2.32 13.82
C ASP B 12 -0.70 0.86 14.09
N VAL B 13 0.05 -0.10 13.53
CA VAL B 13 -0.36 -1.51 13.66
C VAL B 13 -0.41 -1.98 15.13
N GLY B 14 0.32 -1.30 16.01
CA GLY B 14 0.41 -1.69 17.42
C GLY B 14 -0.73 -1.17 18.28
N ASN B 15 -1.49 -0.21 17.77
CA ASN B 15 -2.47 0.49 18.59
C ASN B 15 -3.86 -0.13 18.59
N PHE B 16 -3.91 -1.41 18.94
CA PHE B 16 -5.16 -2.16 19.06
C PHE B 16 -5.13 -2.99 20.33
N HIS B 17 -6.31 -3.32 20.88
CA HIS B 17 -6.40 -4.20 22.04
C HIS B 17 -7.52 -5.16 21.81
N TYR B 18 -7.22 -6.45 21.95
CA TYR B 18 -8.21 -7.53 21.73
C TYR B 18 -9.29 -7.60 22.82
N GLY B 19 -9.01 -7.04 23.99
CA GLY B 19 -9.96 -7.10 25.10
C GLY B 19 -9.33 -7.61 26.39
N ALA B 20 -9.98 -7.34 27.51
CA ALA B 20 -9.46 -7.71 28.83
C ALA B 20 -9.31 -9.23 28.92
N GLY B 21 -8.11 -9.67 29.29
CA GLY B 21 -7.84 -11.09 29.49
C GLY B 21 -7.37 -11.83 28.25
N HIS B 22 -7.34 -11.16 27.10
CA HIS B 22 -6.90 -11.85 25.88
C HIS B 22 -5.41 -11.79 25.77
N PRO B 23 -4.74 -12.96 25.55
CA PRO B 23 -3.27 -12.99 25.54
C PRO B 23 -2.60 -12.21 24.41
N MET B 24 -3.28 -12.06 23.27
CA MET B 24 -2.73 -11.37 22.12
C MET B 24 -2.67 -9.86 22.32
N LYS B 25 -1.47 -9.28 22.26
CA LYS B 25 -1.28 -7.84 22.42
C LYS B 25 -0.56 -7.24 21.22
N PRO B 26 -1.31 -6.61 20.29
CA PRO B 26 -0.69 -5.96 19.13
C PRO B 26 0.42 -4.97 19.48
N HIS B 27 0.37 -4.38 20.68
CA HIS B 27 1.39 -3.39 21.05
C HIS B 27 2.77 -3.95 21.25
N ARG B 28 2.90 -5.28 21.33
CA ARG B 28 4.21 -5.92 21.30
C ARG B 28 4.97 -5.46 20.05
N LEU B 29 4.20 -5.11 19.02
CA LEU B 29 4.81 -4.70 17.76
C LEU B 29 5.40 -3.30 17.92
N ALA B 30 4.73 -2.45 18.70
CA ALA B 30 5.24 -1.10 18.94
C ALA B 30 6.51 -1.17 19.78
N LEU B 31 6.50 -2.02 20.80
CA LEU B 31 7.72 -2.28 21.56
C LEU B 31 8.86 -2.80 20.70
N THR B 32 8.56 -3.72 19.79
CA THR B 32 9.57 -4.21 18.85
C THR B 32 10.13 -3.08 17.99
N HIS B 33 9.25 -2.29 17.36
CA HIS B 33 9.72 -1.18 16.53
C HIS B 33 10.55 -0.19 17.32
N SER B 34 10.11 0.14 18.54
CA SER B 34 10.86 1.03 19.42
C SER B 34 12.31 0.58 19.68
N LEU B 35 12.52 -0.71 19.96
CA LEU B 35 13.87 -1.16 20.23
C LEU B 35 14.71 -1.22 18.97
N VAL B 36 14.13 -1.72 17.88
CA VAL B 36 14.81 -1.80 16.58
C VAL B 36 15.30 -0.40 16.14
N LEU B 37 14.48 0.61 16.35
CA LEU B 37 14.82 1.97 15.95
C LEU B 37 15.87 2.59 16.87
N HIS B 38 15.63 2.52 18.19
CA HIS B 38 16.60 3.03 19.17
C HIS B 38 17.94 2.34 19.17
N TYR B 39 17.96 1.10 18.68
CA TYR B 39 19.21 0.40 18.44
C TYR B 39 19.90 0.84 17.15
N GLY B 40 19.18 1.63 16.34
CA GLY B 40 19.71 2.15 15.09
C GLY B 40 19.85 1.13 13.98
N LEU B 41 19.05 0.06 14.04
CA LEU B 41 19.11 -1.00 13.04
C LEU B 41 18.57 -0.57 11.68
N TYR B 42 17.76 0.48 11.66
CA TYR B 42 17.21 1.05 10.43
C TYR B 42 18.29 1.55 9.46
N LYS B 43 19.46 1.90 9.99
CA LYS B 43 20.57 2.38 9.17
C LYS B 43 21.01 1.31 8.15
N LYS B 44 20.74 0.05 8.45
CA LYS B 44 21.14 -1.04 7.55
C LYS B 44 19.97 -1.63 6.77
N MET B 45 18.83 -0.94 6.78
CA MET B 45 17.62 -1.44 6.13
C MET B 45 16.93 -0.37 5.28
N ILE B 46 16.08 -0.83 4.36
CA ILE B 46 15.16 0.06 3.66
C ILE B 46 13.81 -0.08 4.36
N VAL B 47 13.38 0.99 5.02
CA VAL B 47 12.20 0.94 5.88
C VAL B 47 11.00 1.59 5.21
N PHE B 48 9.89 0.85 5.15
CA PHE B 48 8.72 1.30 4.42
C PHE B 48 7.53 1.47 5.34
N LYS B 49 6.72 2.50 5.09
CA LYS B 49 5.38 2.56 5.70
C LYS B 49 4.49 1.71 4.82
N PRO B 50 3.97 0.60 5.35
CA PRO B 50 3.46 -0.44 4.45
C PRO B 50 2.08 -0.23 3.86
N TYR B 51 1.88 -0.83 2.69
CA TYR B 51 0.59 -1.08 2.05
C TYR B 51 -0.45 -1.59 3.04
N GLN B 52 -1.69 -1.15 2.89
CA GLN B 52 -2.80 -1.72 3.65
C GLN B 52 -3.66 -2.58 2.72
N ALA B 53 -3.91 -3.84 3.09
CA ALA B 53 -4.70 -4.78 2.25
C ALA B 53 -6.20 -4.49 2.21
N SER B 54 -6.80 -4.63 1.04
CA SER B 54 -8.24 -4.45 0.92
C SER B 54 -8.95 -5.81 0.92
N GLN B 55 -10.28 -5.81 0.96
CA GLN B 55 -11.06 -7.06 0.81
C GLN B 55 -10.73 -7.79 -0.50
N HIS B 56 -10.44 -7.01 -1.55
CA HIS B 56 -10.08 -7.56 -2.84
C HIS B 56 -8.84 -8.43 -2.76
N ASP B 57 -7.84 -7.97 -2.02
CA ASP B 57 -6.63 -8.78 -1.73
C ASP B 57 -6.95 -10.06 -0.93
N MET B 58 -7.69 -9.89 0.15
CA MET B 58 -7.98 -10.98 1.07
C MET B 58 -8.79 -12.10 0.43
N CYS B 59 -9.71 -11.73 -0.48
CA CYS B 59 -10.61 -12.70 -1.11
C CYS B 59 -10.00 -13.51 -2.24
N ARG B 60 -8.72 -13.28 -2.50
CA ARG B 60 -7.92 -14.23 -3.26
C ARG B 60 -7.89 -15.58 -2.54
N PHE B 61 -8.06 -15.56 -1.22
CA PHE B 61 -8.13 -16.79 -0.41
C PHE B 61 -9.44 -16.94 0.36
N HIS B 62 -9.79 -15.93 1.15
CA HIS B 62 -10.98 -16.00 1.98
C HIS B 62 -12.24 -15.83 1.21
N SER B 63 -13.33 -16.35 1.76
CA SER B 63 -14.63 -16.18 1.15
C SER B 63 -15.10 -14.74 1.32
N GLU B 64 -15.95 -14.31 0.39
CA GLU B 64 -16.45 -12.96 0.37
C GLU B 64 -17.32 -12.67 1.59
N ASP B 65 -18.23 -13.59 1.93
CA ASP B 65 -19.10 -13.25 3.07
C ASP B 65 -18.39 -13.34 4.41
N TYR B 66 -17.32 -14.13 4.49
CA TYR B 66 -16.49 -14.11 5.69
C TYR B 66 -15.89 -12.71 5.90
N ILE B 67 -15.22 -12.19 4.88
CA ILE B 67 -14.59 -10.86 4.97
C ILE B 67 -15.66 -9.76 5.11
N ASP B 68 -16.78 -9.90 4.40
CA ASP B 68 -17.92 -8.99 4.62
C ASP B 68 -18.30 -8.92 6.10
N PHE B 69 -18.28 -10.07 6.78
CA PHE B 69 -18.64 -10.11 8.20
C PHE B 69 -17.59 -9.43 9.06
N LEU B 70 -16.31 -9.67 8.77
CA LEU B 70 -15.21 -9.06 9.51
C LEU B 70 -15.24 -7.53 9.45
N GLN B 71 -15.63 -6.99 8.30
CA GLN B 71 -15.77 -5.54 8.10
C GLN B 71 -16.95 -4.98 8.86
N ARG B 72 -18.02 -5.76 8.89
CA ARG B 72 -19.32 -5.32 9.38
C ARG B 72 -19.49 -5.40 10.89
N VAL B 73 -18.94 -6.44 11.50
CA VAL B 73 -19.22 -6.73 12.90
C VAL B 73 -18.60 -5.69 13.84
N SER B 74 -19.40 -5.19 14.78
CA SER B 74 -18.89 -4.24 15.77
C SER B 74 -19.45 -4.55 17.14
N PRO B 75 -18.74 -4.10 18.19
CA PRO B 75 -19.18 -4.33 19.58
C PRO B 75 -20.55 -3.74 19.89
N THR B 76 -21.38 -3.51 18.87
CA THR B 76 -22.67 -2.82 19.06
C THR B 76 -23.79 -3.23 18.08
N ASN B 77 -23.49 -4.17 17.18
CA ASN B 77 -24.54 -4.75 16.32
C ASN B 77 -24.54 -6.27 16.35
N MET B 78 -23.51 -6.83 16.99
CA MET B 78 -23.28 -8.27 17.05
C MET B 78 -24.40 -9.02 17.73
N GLN B 79 -25.15 -8.32 18.58
CA GLN B 79 -26.33 -8.86 19.23
C GLN B 79 -27.31 -9.44 18.21
N GLY B 80 -27.31 -8.89 17.00
CA GLY B 80 -28.15 -9.39 15.93
C GLY B 80 -27.53 -10.44 15.02
N PHE B 81 -26.37 -10.99 15.40
CA PHE B 81 -25.65 -11.89 14.49
C PHE B 81 -25.17 -13.21 15.09
N THR B 82 -25.91 -13.77 16.02
CA THR B 82 -25.48 -14.99 16.71
C THR B 82 -25.15 -16.09 15.72
N LYS B 83 -26.05 -16.28 14.75
CA LYS B 83 -25.88 -17.24 13.67
C LYS B 83 -24.54 -17.05 12.93
N SER B 84 -24.23 -15.81 12.55
CA SER B 84 -22.97 -15.54 11.84
C SER B 84 -21.73 -15.61 12.72
N LEU B 85 -21.84 -15.13 13.96
CA LEU B 85 -20.74 -15.23 14.92
C LEU B 85 -20.29 -16.69 15.03
N ASN B 86 -21.27 -17.58 15.14
CA ASN B 86 -20.99 -18.99 15.27
C ASN B 86 -20.40 -19.60 14.01
N ALA B 87 -21.03 -19.28 12.87
CA ALA B 87 -20.59 -19.77 11.57
C ALA B 87 -19.16 -19.33 11.21
N PHE B 88 -18.80 -18.10 11.57
CA PHE B 88 -17.47 -17.59 11.21
C PHE B 88 -16.43 -17.77 12.32
N ASN B 89 -16.88 -18.34 13.45
CA ASN B 89 -16.04 -18.62 14.60
C ASN B 89 -15.45 -17.34 15.23
N VAL B 90 -16.25 -16.28 15.23
CA VAL B 90 -15.88 -15.04 15.91
C VAL B 90 -16.58 -15.05 17.25
N GLY B 91 -15.81 -15.03 18.33
CA GLY B 91 -16.37 -15.27 19.66
C GLY B 91 -15.43 -15.13 20.83
N ASP B 92 -14.70 -16.20 21.12
CA ASP B 92 -13.85 -16.26 22.31
C ASP B 92 -12.35 -16.10 22.03
N ASP B 93 -11.78 -17.02 21.27
CA ASP B 93 -10.38 -16.91 20.86
C ASP B 93 -10.20 -15.74 19.92
N CYS B 94 -11.20 -15.54 19.06
CA CYS B 94 -11.21 -14.47 18.06
C CYS B 94 -12.33 -13.44 18.32
N PRO B 95 -12.13 -12.55 19.31
CA PRO B 95 -13.22 -11.66 19.69
C PRO B 95 -13.43 -10.50 18.72
N VAL B 96 -14.60 -9.86 18.83
CA VAL B 96 -14.84 -8.57 18.18
C VAL B 96 -14.14 -7.55 19.06
N PHE B 97 -13.30 -6.71 18.46
CA PHE B 97 -12.73 -5.56 19.16
C PHE B 97 -12.68 -4.37 18.20
N PRO B 98 -12.66 -3.14 18.75
CA PRO B 98 -12.64 -1.96 17.89
C PRO B 98 -11.38 -1.92 17.02
N GLY B 99 -11.58 -1.75 15.71
CA GLY B 99 -10.47 -1.67 14.78
C GLY B 99 -10.04 -3.01 14.22
N LEU B 100 -10.83 -4.06 14.49
CA LEU B 100 -10.55 -5.42 14.01
C LEU B 100 -10.14 -5.47 12.52
N PHE B 101 -11.01 -4.99 11.62
CA PHE B 101 -10.68 -5.06 10.20
C PHE B 101 -9.43 -4.24 9.86
N GLU B 102 -9.32 -3.04 10.42
CA GLU B 102 -8.15 -2.21 10.20
C GLU B 102 -6.85 -2.95 10.57
N PHE B 103 -6.86 -3.63 11.72
CA PHE B 103 -5.69 -4.39 12.15
C PHE B 103 -5.33 -5.44 11.11
N CYS B 104 -6.35 -6.21 10.68
CA CYS B 104 -6.17 -7.25 9.67
C CYS B 104 -5.65 -6.70 8.34
N SER B 105 -6.23 -5.58 7.90
CA SER B 105 -5.76 -4.86 6.72
C SER B 105 -4.27 -4.50 6.85
N ARG B 106 -3.88 -3.95 8.00
CA ARG B 106 -2.52 -3.51 8.22
C ARG B 106 -1.50 -4.64 8.24
N TYR B 107 -1.76 -5.67 9.05
CA TYR B 107 -0.83 -6.79 9.07
C TYR B 107 -0.81 -7.58 7.73
N THR B 108 -1.96 -7.72 7.07
CA THR B 108 -2.00 -8.46 5.80
C THR B 108 -1.27 -7.68 4.69
N GLY B 109 -1.47 -6.37 4.68
CA GLY B 109 -0.90 -5.48 3.67
C GLY B 109 0.61 -5.54 3.60
N ALA B 110 1.24 -5.51 4.77
CA ALA B 110 2.69 -5.58 4.89
C ALA B 110 3.28 -6.90 4.38
N SER B 111 2.61 -8.02 4.61
CA SER B 111 3.08 -9.34 4.15
C SER B 111 3.02 -9.43 2.63
N LEU B 112 1.92 -8.93 2.07
CA LEU B 112 1.72 -8.88 0.63
C LEU B 112 2.74 -7.98 -0.07
N GLN B 113 3.01 -6.81 0.49
CA GLN B 113 4.10 -5.94 -0.01
C GLN B 113 5.48 -6.61 0.09
N GLY B 114 5.73 -7.33 1.18
CA GLY B 114 7.00 -8.07 1.34
C GLY B 114 7.23 -9.04 0.20
N ALA B 115 6.19 -9.80 -0.09
CA ALA B 115 6.17 -10.74 -1.18
C ALA B 115 6.27 -10.09 -2.57
N THR B 116 5.57 -8.97 -2.80
CA THR B 116 5.73 -8.27 -4.08
C THR B 116 7.17 -7.76 -4.26
N GLN B 117 7.79 -7.30 -3.18
CA GLN B 117 9.16 -6.78 -3.27
C GLN B 117 10.21 -7.87 -3.49
N LEU B 118 9.91 -9.08 -3.02
CA LEU B 118 10.73 -10.24 -3.34
C LEU B 118 10.55 -10.67 -4.80
N ASN B 119 9.29 -10.70 -5.27
CA ASN B 119 8.99 -10.97 -6.67
C ASN B 119 9.66 -9.98 -7.62
N ASN B 120 9.63 -8.70 -7.24
CA ASN B 120 10.20 -7.63 -8.03
C ASN B 120 11.71 -7.45 -7.86
N LYS B 121 12.32 -8.27 -7.00
CA LYS B 121 13.75 -8.16 -6.66
C LYS B 121 14.17 -6.77 -6.13
N ILE B 122 13.33 -6.18 -5.28
CA ILE B 122 13.61 -4.92 -4.59
C ILE B 122 14.46 -5.20 -3.34
N CYS B 123 14.32 -6.41 -2.81
CA CYS B 123 15.08 -6.81 -1.62
C CYS B 123 15.38 -8.30 -1.63
N ASP B 124 16.33 -8.70 -0.80
CA ASP B 124 16.72 -10.10 -0.63
C ASP B 124 15.99 -10.71 0.56
N ILE B 125 15.67 -9.86 1.53
CA ILE B 125 14.97 -10.25 2.75
C ILE B 125 13.90 -9.18 3.04
N ALA B 126 12.66 -9.61 3.26
CA ALA B 126 11.59 -8.71 3.69
C ALA B 126 11.08 -9.10 5.07
N ILE B 127 10.92 -8.12 5.94
CA ILE B 127 10.53 -8.38 7.33
C ILE B 127 9.20 -7.69 7.70
N ASN B 128 8.20 -8.49 8.05
CA ASN B 128 6.96 -7.98 8.63
C ASN B 128 6.65 -8.69 9.96
N TRP B 129 7.07 -8.10 11.07
CA TRP B 129 6.78 -8.67 12.40
C TRP B 129 5.30 -8.76 12.74
N ALA B 130 4.49 -7.95 12.06
CA ALA B 130 3.04 -7.91 12.29
C ALA B 130 2.27 -9.10 11.69
N GLY B 131 2.89 -9.82 10.76
CA GLY B 131 2.21 -10.93 10.08
C GLY B 131 2.45 -12.28 10.72
N GLY B 132 2.09 -13.34 10.01
CA GLY B 132 2.32 -14.71 10.48
C GLY B 132 1.10 -15.32 11.18
N LEU B 133 -0.09 -14.90 10.79
CA LEU B 133 -1.29 -15.34 11.50
C LEU B 133 -1.85 -16.60 10.86
N HIS B 134 -1.15 -17.70 11.20
CA HIS B 134 -1.17 -18.92 10.43
C HIS B 134 -2.37 -19.81 10.63
N HIS B 135 -3.19 -19.52 11.64
CA HIS B 135 -4.34 -20.37 11.96
C HIS B 135 -5.59 -20.06 11.17
N ALA B 136 -5.70 -18.85 10.61
CA ALA B 136 -6.97 -18.46 9.98
C ALA B 136 -7.31 -19.33 8.76
N LYS B 137 -8.59 -19.71 8.65
CA LYS B 137 -9.07 -20.58 7.56
C LYS B 137 -9.88 -19.77 6.55
N LYS B 138 -10.23 -20.42 5.44
CA LYS B 138 -10.88 -19.78 4.29
C LYS B 138 -12.21 -19.14 4.66
N PHE B 139 -13.05 -19.88 5.39
CA PHE B 139 -14.39 -19.42 5.76
C PHE B 139 -14.57 -19.03 7.24
N GLU B 140 -13.49 -19.03 8.04
CA GLU B 140 -13.64 -18.75 9.49
C GLU B 140 -12.35 -18.33 10.23
N ALA B 141 -12.51 -17.60 11.33
CA ALA B 141 -11.42 -17.22 12.19
C ALA B 141 -10.95 -18.40 13.05
N SER B 142 -9.71 -18.36 13.48
CA SER B 142 -9.21 -19.41 14.37
C SER B 142 -7.96 -18.96 15.07
N GLY B 143 -7.84 -19.30 16.34
CA GLY B 143 -6.57 -19.17 17.07
C GLY B 143 -5.96 -17.79 17.12
N PHE B 144 -6.79 -16.78 17.42
CA PHE B 144 -6.40 -15.36 17.48
C PHE B 144 -6.22 -14.73 16.08
N CYS B 145 -6.39 -15.54 15.04
CA CYS B 145 -6.14 -15.11 13.65
C CYS B 145 -7.44 -14.94 12.88
N TYR B 146 -7.55 -13.83 12.15
CA TYR B 146 -8.76 -13.56 11.35
C TYR B 146 -8.50 -13.74 9.85
N VAL B 147 -7.46 -13.08 9.36
CA VAL B 147 -7.06 -13.15 7.97
C VAL B 147 -5.71 -13.85 7.88
N ASN B 148 -5.62 -14.85 7.02
CA ASN B 148 -4.38 -15.58 6.84
C ASN B 148 -3.43 -14.89 5.86
N ASP B 149 -2.62 -13.98 6.37
CA ASP B 149 -1.69 -13.18 5.56
C ASP B 149 -0.62 -14.06 4.88
N ILE B 150 -0.30 -15.20 5.49
CA ILE B 150 0.72 -16.10 4.92
C ILE B 150 0.26 -16.68 3.61
N VAL B 151 -0.98 -17.19 3.58
CA VAL B 151 -1.52 -17.81 2.39
C VAL B 151 -1.63 -16.74 1.28
N ILE B 152 -2.10 -15.57 1.65
CA ILE B 152 -2.21 -14.47 0.69
C ILE B 152 -0.84 -14.08 0.10
N GLY B 153 0.16 -13.98 0.96
CA GLY B 153 1.53 -13.69 0.54
C GLY B 153 2.13 -14.79 -0.32
N ILE B 154 1.88 -16.04 0.06
CA ILE B 154 2.40 -17.15 -0.71
C ILE B 154 1.72 -17.24 -2.06
N LEU B 155 0.41 -16.97 -2.12
CA LEU B 155 -0.27 -16.94 -3.41
C LEU B 155 0.32 -15.88 -4.35
N GLU B 156 0.81 -14.79 -3.78
CA GLU B 156 1.52 -13.77 -4.57
C GLU B 156 2.89 -14.26 -5.06
N LEU B 157 3.66 -14.88 -4.17
CA LEU B 157 4.95 -15.45 -4.57
C LEU B 157 4.83 -16.49 -5.68
N LEU B 158 3.73 -17.25 -5.68
CA LEU B 158 3.51 -18.30 -6.69
C LEU B 158 3.33 -17.77 -8.12
N LYS B 159 2.96 -16.50 -8.25
CA LYS B 159 2.93 -15.87 -9.57
C LYS B 159 4.28 -16.01 -10.29
N TYR B 160 5.38 -15.94 -9.56
CA TYR B 160 6.71 -16.08 -10.16
C TYR B 160 7.45 -17.35 -9.75
N HIS B 161 7.25 -17.81 -8.52
CA HIS B 161 8.06 -18.89 -7.98
C HIS B 161 7.50 -20.27 -8.20
N PRO B 162 8.31 -21.16 -8.79
CA PRO B 162 7.83 -22.52 -9.01
C PRO B 162 7.62 -23.24 -7.67
N ARG B 163 8.50 -22.98 -6.71
CA ARG B 163 8.56 -23.77 -5.48
C ARG B 163 8.80 -22.86 -4.27
N VAL B 164 7.83 -22.82 -3.36
CA VAL B 164 7.95 -21.99 -2.16
C VAL B 164 8.05 -22.89 -0.95
N LEU B 165 9.08 -22.67 -0.14
CA LEU B 165 9.21 -23.35 1.15
C LEU B 165 8.69 -22.49 2.28
N TYR B 166 7.71 -23.02 3.02
CA TYR B 166 7.19 -22.40 4.22
C TYR B 166 7.67 -23.11 5.47
N ILE B 167 8.29 -22.35 6.39
CA ILE B 167 8.81 -22.87 7.66
C ILE B 167 8.16 -22.16 8.85
N ASP B 168 7.65 -22.94 9.81
CA ASP B 168 6.83 -22.41 10.87
C ASP B 168 7.36 -22.88 12.25
N ILE B 169 8.00 -21.95 12.99
CA ILE B 169 8.61 -22.28 14.29
C ILE B 169 7.82 -21.75 15.51
N ASP B 170 6.62 -21.25 15.23
CA ASP B 170 5.62 -20.94 16.25
C ASP B 170 5.35 -22.24 17.01
N ILE B 171 4.99 -22.17 18.28
CA ILE B 171 4.77 -23.38 19.06
C ILE B 171 3.52 -24.14 18.59
N HIS B 172 2.60 -23.43 17.93
CA HIS B 172 1.38 -24.03 17.44
C HIS B 172 1.55 -24.54 16.05
N HIS B 173 0.86 -25.63 15.72
CA HIS B 173 0.87 -26.18 14.37
C HIS B 173 0.30 -25.22 13.34
N GLY B 174 1.00 -25.04 12.22
CA GLY B 174 0.55 -24.11 11.17
C GLY B 174 -0.57 -24.67 10.30
N ASP B 175 -1.70 -25.02 10.92
CA ASP B 175 -2.78 -25.74 10.24
C ASP B 175 -3.43 -25.00 9.04
N GLY B 176 -3.63 -23.68 9.18
CA GLY B 176 -4.26 -22.90 8.11
C GLY B 176 -3.44 -22.89 6.83
N VAL B 177 -2.13 -22.71 6.96
CA VAL B 177 -1.26 -22.71 5.79
C VAL B 177 -1.12 -24.11 5.19
N GLN B 178 -0.99 -25.12 6.07
CA GLN B 178 -0.90 -26.51 5.63
C GLN B 178 -2.12 -26.90 4.80
N GLU B 179 -3.30 -26.59 5.33
CA GLU B 179 -4.59 -26.90 4.72
C GLU B 179 -4.74 -26.22 3.36
N ALA B 180 -4.41 -24.93 3.29
CA ALA B 180 -4.46 -24.20 2.03
C ALA B 180 -3.67 -24.90 0.93
N PHE B 181 -2.54 -25.49 1.27
CA PHE B 181 -1.65 -26.03 0.23
C PHE B 181 -1.46 -27.54 0.28
N TYR B 182 -2.34 -28.25 0.99
CA TYR B 182 -2.20 -29.70 1.24
C TYR B 182 -2.11 -30.55 -0.02
N LEU B 183 -2.77 -30.09 -1.07
CA LEU B 183 -2.87 -30.86 -2.30
C LEU B 183 -1.91 -30.40 -3.42
N THR B 184 -1.00 -29.49 -3.11
CA THR B 184 -0.03 -29.05 -4.13
C THR B 184 1.43 -29.28 -3.76
N ASP B 185 2.26 -29.57 -4.77
CA ASP B 185 3.72 -29.67 -4.61
C ASP B 185 4.43 -28.31 -4.79
N ARG B 186 3.67 -27.28 -5.12
CA ARG B 186 4.25 -25.96 -5.38
C ARG B 186 4.53 -25.16 -4.11
N VAL B 187 4.01 -25.63 -2.98
CA VAL B 187 4.36 -25.06 -1.69
C VAL B 187 4.72 -26.20 -0.72
N MET B 188 5.94 -26.24 -0.22
CA MET B 188 6.23 -27.17 0.85
C MET B 188 6.08 -26.53 2.24
N THR B 189 5.22 -27.12 3.06
CA THR B 189 5.02 -26.62 4.42
C THR B 189 5.74 -27.51 5.46
N VAL B 190 6.59 -26.87 6.27
CA VAL B 190 7.30 -27.52 7.38
C VAL B 190 6.92 -26.82 8.69
N SER B 191 6.40 -27.58 9.65
CA SER B 191 5.95 -27.00 10.93
C SER B 191 6.53 -27.79 12.09
N PHE B 192 7.18 -27.09 13.02
CA PHE B 192 7.71 -27.65 14.27
C PHE B 192 6.79 -27.12 15.36
N HIS B 193 6.27 -28.00 16.23
CA HIS B 193 5.23 -27.59 17.17
C HIS B 193 5.05 -28.55 18.30
N LYS B 194 4.49 -28.05 19.38
CA LYS B 194 4.04 -28.89 20.46
C LYS B 194 2.83 -29.67 19.96
N TYR B 195 2.80 -30.98 20.22
CA TYR B 195 1.68 -31.84 19.80
C TYR B 195 1.25 -32.80 20.90
N GLY B 196 -0.05 -32.86 21.20
CA GLY B 196 -0.55 -33.81 22.17
C GLY B 196 -1.42 -33.24 23.29
N ASN B 197 -2.25 -34.12 23.85
CA ASN B 197 -3.10 -33.78 24.96
C ASN B 197 -3.96 -32.58 24.63
N TYR B 198 -4.33 -32.48 23.35
CA TYR B 198 -5.24 -31.45 22.87
C TYR B 198 -4.66 -30.03 22.90
N PHE B 199 -3.33 -29.90 22.99
CA PHE B 199 -2.68 -28.60 22.81
C PHE B 199 -3.15 -28.01 21.47
N PHE B 200 -3.62 -26.77 21.48
CA PHE B 200 -4.21 -26.14 20.28
C PHE B 200 -3.22 -26.22 19.12
N PRO B 201 -3.69 -26.52 17.89
CA PRO B 201 -5.07 -26.80 17.46
C PRO B 201 -5.42 -28.30 17.43
N GLY B 202 -4.52 -29.15 17.93
CA GLY B 202 -4.83 -30.58 18.07
C GLY B 202 -4.53 -31.38 16.82
N THR B 203 -3.79 -30.77 15.89
CA THR B 203 -3.42 -31.39 14.61
C THR B 203 -1.91 -31.28 14.41
N GLY B 204 -1.39 -31.90 13.34
CA GLY B 204 0.03 -31.81 13.00
C GLY B 204 0.85 -33.00 13.50
N ASP B 205 0.28 -34.21 13.41
CA ASP B 205 1.05 -35.43 13.71
C ASP B 205 1.91 -35.77 12.50
N MET B 206 2.96 -36.57 12.71
CA MET B 206 4.00 -36.75 11.71
C MET B 206 3.53 -37.56 10.48
N TYR B 207 2.31 -38.07 10.51
CA TYR B 207 1.73 -38.79 9.37
C TYR B 207 0.96 -37.89 8.36
N GLU B 208 0.71 -36.64 8.73
CA GLU B 208 0.10 -35.69 7.80
C GLU B 208 1.19 -35.25 6.81
N VAL B 209 1.23 -35.89 5.64
CA VAL B 209 2.32 -35.66 4.68
C VAL B 209 1.87 -34.99 3.37
N GLY B 210 0.59 -34.65 3.29
CA GLY B 210 0.03 -34.10 2.06
C GLY B 210 -0.66 -35.20 1.28
N ALA B 211 -1.47 -34.80 0.28
CA ALA B 211 -2.22 -35.75 -0.54
C ALA B 211 -2.19 -35.31 -1.99
N GLU B 212 -2.49 -36.24 -2.90
CA GLU B 212 -2.46 -36.02 -4.36
C GLU B 212 -1.09 -35.51 -4.80
N SER B 213 -1.03 -34.49 -5.67
CA SER B 213 0.25 -33.91 -6.07
C SER B 213 1.10 -33.48 -4.89
N GLY B 214 0.46 -33.17 -3.76
CA GLY B 214 1.15 -32.67 -2.59
C GLY B 214 1.68 -33.72 -1.62
N ARG B 215 1.54 -35.00 -1.96
CA ARG B 215 1.99 -36.07 -1.08
C ARG B 215 3.48 -35.94 -0.85
N TYR B 216 3.89 -35.86 0.41
CA TYR B 216 5.31 -35.63 0.77
C TYR B 216 5.80 -34.17 0.66
N TYR B 217 4.91 -33.25 0.34
CA TYR B 217 5.25 -31.82 0.32
C TYR B 217 4.68 -31.09 1.56
N CYS B 218 4.31 -31.89 2.56
CA CYS B 218 3.92 -31.38 3.86
C CYS B 218 4.64 -32.20 4.91
N LEU B 219 5.23 -31.50 5.88
CA LEU B 219 6.09 -32.12 6.87
C LEU B 219 5.79 -31.55 8.26
N ASN B 220 5.50 -32.43 9.21
CA ASN B 220 5.20 -32.02 10.57
C ASN B 220 6.15 -32.65 11.59
N VAL B 221 6.68 -31.82 12.48
CA VAL B 221 7.58 -32.26 13.54
C VAL B 221 6.90 -32.07 14.90
N PRO B 222 6.18 -33.10 15.38
CA PRO B 222 5.42 -33.02 16.62
C PRO B 222 6.32 -33.20 17.86
N LEU B 223 6.23 -32.27 18.80
CA LEU B 223 7.14 -32.27 19.95
C LEU B 223 6.38 -32.23 21.27
N ARG B 224 7.07 -32.55 22.36
CA ARG B 224 6.47 -32.54 23.69
C ARG B 224 7.00 -31.33 24.48
N ASP B 225 6.48 -31.09 25.69
CA ASP B 225 6.91 -29.96 26.53
C ASP B 225 8.40 -29.84 26.70
N GLY B 226 8.88 -28.60 26.82
CA GLY B 226 10.20 -28.35 27.38
C GLY B 226 11.38 -28.58 26.46
N ILE B 227 11.14 -28.65 25.15
CA ILE B 227 12.27 -28.76 24.23
C ILE B 227 13.24 -27.61 24.48
N ASP B 228 14.52 -27.92 24.52
CA ASP B 228 15.54 -26.90 24.73
C ASP B 228 16.25 -26.55 23.41
N ASP B 229 17.19 -25.61 23.49
CA ASP B 229 17.96 -25.12 22.33
C ASP B 229 18.65 -26.23 21.54
N GLN B 230 19.45 -27.05 22.23
CA GLN B 230 20.28 -28.03 21.54
C GLN B 230 19.46 -29.18 20.94
N SER B 231 18.39 -29.58 21.61
CA SER B 231 17.48 -30.59 21.06
C SER B 231 16.72 -30.09 19.85
N TYR B 232 16.25 -28.84 19.92
CA TYR B 232 15.54 -28.21 18.80
C TYR B 232 16.49 -28.06 17.61
N LYS B 233 17.66 -27.49 17.85
CA LYS B 233 18.63 -27.24 16.80
C LYS B 233 19.07 -28.50 16.06
N HIS B 234 19.27 -29.60 16.79
CA HIS B 234 19.76 -30.82 16.15
C HIS B 234 18.68 -31.62 15.47
N LEU B 235 17.45 -31.15 15.60
CA LEU B 235 16.39 -31.54 14.69
C LEU B 235 16.16 -30.52 13.57
N PHE B 236 16.09 -29.23 13.93
CA PHE B 236 15.77 -28.16 12.96
C PHE B 236 16.78 -28.09 11.83
N GLN B 237 18.07 -28.05 12.15
CA GLN B 237 19.07 -27.85 11.11
C GLN B 237 19.20 -29.01 10.10
N PRO B 238 19.28 -30.27 10.57
CA PRO B 238 19.29 -31.37 9.59
C PRO B 238 18.01 -31.48 8.76
N VAL B 239 16.86 -31.18 9.36
CA VAL B 239 15.59 -31.24 8.61
C VAL B 239 15.57 -30.20 7.50
N ILE B 240 15.80 -28.94 7.85
CA ILE B 240 15.77 -27.82 6.90
C ILE B 240 16.83 -27.95 5.81
N ASN B 241 18.03 -28.38 6.19
CA ASN B 241 19.10 -28.62 5.22
C ASN B 241 18.66 -29.62 4.15
N GLN B 242 18.06 -30.73 4.58
CA GLN B 242 17.63 -31.75 3.63
C GLN B 242 16.44 -31.31 2.77
N VAL B 243 15.46 -30.65 3.38
CA VAL B 243 14.35 -30.04 2.65
C VAL B 243 14.84 -29.12 1.52
N VAL B 244 15.72 -28.19 1.87
CA VAL B 244 16.25 -27.24 0.89
C VAL B 244 17.00 -27.98 -0.22
N ASP B 245 17.80 -28.97 0.19
CA ASP B 245 18.54 -29.80 -0.74
C ASP B 245 17.64 -30.56 -1.71
N PHE B 246 16.63 -31.26 -1.18
CA PHE B 246 15.75 -32.08 -2.01
C PHE B 246 14.70 -31.26 -2.76
N TYR B 247 14.09 -30.29 -2.08
CA TYR B 247 13.01 -29.48 -2.67
C TYR B 247 13.53 -28.36 -3.57
N GLN B 248 14.68 -27.77 -3.23
CA GLN B 248 15.27 -26.69 -4.05
C GLN B 248 14.32 -25.49 -4.12
N PRO B 249 13.90 -24.93 -2.97
CA PRO B 249 12.92 -23.86 -3.05
C PRO B 249 13.53 -22.58 -3.64
N THR B 250 12.74 -21.83 -4.42
CA THR B 250 13.21 -20.56 -4.98
C THR B 250 12.87 -19.35 -4.08
N CYS B 251 11.90 -19.54 -3.18
CA CYS B 251 11.57 -18.54 -2.16
C CYS B 251 11.32 -19.25 -0.83
N ILE B 252 11.69 -18.61 0.27
CA ILE B 252 11.37 -19.13 1.61
C ILE B 252 10.50 -18.14 2.39
N VAL B 253 9.46 -18.67 3.05
CA VAL B 253 8.69 -17.91 4.03
C VAL B 253 8.86 -18.53 5.43
N LEU B 254 9.39 -17.75 6.36
CA LEU B 254 9.66 -18.16 7.74
C LEU B 254 8.74 -17.42 8.72
N GLN B 255 7.88 -18.19 9.36
CA GLN B 255 7.11 -17.75 10.50
C GLN B 255 7.97 -17.90 11.76
N CYS B 256 8.08 -16.80 12.51
CA CYS B 256 8.92 -16.74 13.69
C CYS B 256 8.14 -16.55 14.98
N GLY B 257 6.98 -17.19 15.10
CA GLY B 257 6.19 -17.12 16.32
C GLY B 257 7.13 -17.27 17.51
N ALA B 258 7.10 -16.30 18.42
CA ALA B 258 8.00 -16.29 19.58
C ALA B 258 7.37 -16.94 20.82
N ASP B 259 6.22 -17.59 20.64
CA ASP B 259 5.60 -18.34 21.72
C ASP B 259 6.29 -19.70 22.00
N SER B 260 7.32 -20.04 21.22
CA SER B 260 8.16 -21.20 21.47
C SER B 260 9.31 -20.89 22.43
N LEU B 261 9.37 -19.65 22.90
CA LEU B 261 10.34 -19.24 23.91
C LEU B 261 10.00 -19.78 25.29
N GLY B 262 11.02 -20.05 26.10
CA GLY B 262 10.80 -20.28 27.53
C GLY B 262 10.00 -19.12 28.13
N CYS B 263 9.05 -19.44 29.02
CA CYS B 263 8.31 -18.44 29.82
C CYS B 263 7.24 -17.71 29.03
N ASP B 264 6.80 -18.30 27.93
CA ASP B 264 5.71 -17.72 27.17
C ASP B 264 4.44 -17.94 27.96
N ARG B 265 3.53 -16.97 27.88
CA ARG B 265 2.26 -17.05 28.59
C ARG B 265 1.50 -18.34 28.26
N LEU B 266 1.53 -18.75 27.00
CA LEU B 266 0.72 -19.88 26.53
C LEU B 266 1.55 -21.12 26.16
N GLY B 267 2.83 -20.92 25.87
CA GLY B 267 3.67 -22.00 25.35
C GLY B 267 4.51 -22.69 26.41
N CYS B 268 4.81 -23.97 26.18
CA CYS B 268 5.50 -24.82 27.14
C CYS B 268 6.88 -25.31 26.68
N PHE B 269 7.47 -24.65 25.68
CA PHE B 269 8.85 -24.92 25.25
C PHE B 269 9.85 -24.15 26.11
N ASN B 270 11.14 -24.49 25.93
CA ASN B 270 12.23 -23.91 26.70
C ASN B 270 13.33 -23.38 25.76
N LEU B 271 12.93 -22.64 24.73
CA LEU B 271 13.92 -21.99 23.88
C LEU B 271 14.34 -20.66 24.47
N SER B 272 15.64 -20.37 24.36
CA SER B 272 16.12 -19.06 24.71
C SER B 272 15.99 -18.15 23.46
N ILE B 273 16.20 -16.85 23.64
CA ILE B 273 16.19 -15.89 22.51
C ILE B 273 17.29 -16.26 21.51
N ARG B 274 18.48 -16.63 22.01
CA ARG B 274 19.57 -17.05 21.14
C ARG B 274 19.25 -18.34 20.40
N GLY B 275 18.64 -19.30 21.10
CA GLY B 275 18.24 -20.57 20.46
C GLY B 275 17.26 -20.30 19.32
N HIS B 276 16.26 -19.47 19.60
CA HIS B 276 15.23 -19.09 18.64
C HIS B 276 15.84 -18.40 17.45
N GLY B 277 16.73 -17.45 17.73
CA GLY B 277 17.45 -16.70 16.70
C GLY B 277 18.29 -17.55 15.75
N GLU B 278 18.89 -18.63 16.28
CA GLU B 278 19.70 -19.54 15.46
C GLU B 278 18.93 -20.18 14.32
N CYS B 279 17.64 -20.43 14.52
CA CYS B 279 16.79 -20.91 13.45
C CYS B 279 16.75 -19.86 12.32
N VAL B 280 16.53 -18.60 12.69
CA VAL B 280 16.47 -17.49 11.74
C VAL B 280 17.80 -17.32 10.98
N GLU B 281 18.90 -17.29 11.72
CA GLU B 281 20.27 -17.21 11.18
C GLU B 281 20.56 -18.35 10.21
N TYR B 282 20.14 -19.56 10.58
CA TYR B 282 20.28 -20.75 9.72
C TYR B 282 19.48 -20.61 8.42
N VAL B 283 18.22 -20.19 8.52
CA VAL B 283 17.39 -20.07 7.32
C VAL B 283 17.98 -19.03 6.35
N LYS B 284 18.41 -17.90 6.91
CA LYS B 284 19.07 -16.84 6.14
C LYS B 284 20.30 -17.35 5.39
N SER B 285 21.09 -18.22 6.02
CA SER B 285 22.36 -18.71 5.44
C SER B 285 22.22 -19.39 4.07
N PHE B 286 21.04 -19.85 3.72
CA PHE B 286 20.85 -20.49 2.41
C PHE B 286 20.91 -19.52 1.22
N ASN B 287 20.89 -18.22 1.50
CA ASN B 287 20.92 -17.17 0.47
C ASN B 287 19.83 -17.31 -0.61
N ILE B 288 18.65 -17.74 -0.18
CA ILE B 288 17.45 -17.80 -1.02
C ILE B 288 16.55 -16.62 -0.60
N PRO B 289 15.87 -15.97 -1.58
CA PRO B 289 14.93 -14.89 -1.19
C PRO B 289 14.04 -15.33 -0.02
N LEU B 290 13.90 -14.44 0.96
CA LEU B 290 13.37 -14.77 2.28
C LEU B 290 12.33 -13.76 2.79
N LEU B 291 11.10 -14.21 3.04
CA LEU B 291 10.08 -13.41 3.76
C LEU B 291 10.01 -13.81 5.25
N VAL B 292 10.22 -12.84 6.12
CA VAL B 292 10.27 -13.07 7.56
C VAL B 292 9.04 -12.45 8.24
N LEU B 293 8.25 -13.29 8.92
CA LEU B 293 6.99 -12.87 9.56
C LEU B 293 7.03 -13.17 11.04
N GLY B 294 6.22 -12.44 11.82
CA GLY B 294 6.09 -12.74 13.24
C GLY B 294 5.13 -13.89 13.45
N GLY B 295 4.19 -13.73 14.37
CA GLY B 295 3.21 -14.77 14.67
C GLY B 295 2.92 -14.75 16.15
N GLY B 296 2.83 -15.91 16.78
CA GLY B 296 2.63 -16.01 18.24
C GLY B 296 3.69 -15.33 19.08
N GLY B 297 3.47 -15.31 20.39
CA GLY B 297 4.36 -14.65 21.33
C GLY B 297 3.53 -13.86 22.33
N TYR B 298 3.53 -14.29 23.60
CA TYR B 298 2.54 -13.81 24.57
C TYR B 298 3.09 -13.39 25.93
N THR B 299 4.42 -13.32 26.04
CA THR B 299 5.09 -12.54 27.09
C THR B 299 5.75 -11.33 26.41
N VAL B 300 4.99 -10.22 26.37
CA VAL B 300 5.31 -9.05 25.54
C VAL B 300 6.78 -8.60 25.67
N ARG B 301 7.25 -8.44 26.90
CA ARG B 301 8.62 -7.98 27.13
C ARG B 301 9.67 -8.89 26.46
N ASN B 302 9.33 -10.16 26.29
CA ASN B 302 10.23 -11.14 25.68
C ASN B 302 10.10 -11.20 24.17
N VAL B 303 8.88 -11.05 23.68
CA VAL B 303 8.64 -11.06 22.24
C VAL B 303 9.44 -9.93 21.58
N ALA B 304 9.36 -8.74 22.16
CA ALA B 304 9.95 -7.56 21.56
C ALA B 304 11.45 -7.71 21.45
N ARG B 305 12.05 -8.32 22.48
CA ARG B 305 13.50 -8.56 22.49
C ARG B 305 13.91 -9.61 21.47
N CYS B 306 13.13 -10.68 21.38
CA CYS B 306 13.41 -11.77 20.47
C CYS B 306 13.43 -11.30 19.01
N TRP B 307 12.43 -10.53 18.61
CA TRP B 307 12.37 -10.03 17.23
C TRP B 307 13.37 -8.96 16.93
N THR B 308 13.64 -8.09 17.90
CA THR B 308 14.75 -7.12 17.81
C THR B 308 16.11 -7.80 17.60
N TYR B 309 16.37 -8.85 18.38
CA TYR B 309 17.56 -9.66 18.21
C TYR B 309 17.60 -10.27 16.82
N GLU B 310 16.47 -10.82 16.38
CA GLU B 310 16.41 -11.48 15.09
C GLU B 310 16.53 -10.50 13.91
N THR B 311 16.03 -9.29 14.07
CA THR B 311 16.30 -8.20 13.11
C THR B 311 17.81 -7.93 12.96
N SER B 312 18.52 -7.88 14.09
CA SER B 312 19.97 -7.65 14.08
C SER B 312 20.76 -8.77 13.39
N LEU B 313 20.28 -10.01 13.51
CA LEU B 313 20.88 -11.12 12.77
C LEU B 313 20.59 -11.03 11.27
N LEU B 314 19.37 -10.63 10.93
CA LEU B 314 18.98 -10.54 9.51
C LEU B 314 19.77 -9.48 8.81
N VAL B 315 20.20 -8.49 9.57
CA VAL B 315 20.98 -7.38 9.07
C VAL B 315 22.49 -7.55 9.31
N GLU B 316 22.86 -8.62 10.02
CA GLU B 316 24.27 -8.96 10.29
C GLU B 316 24.97 -7.89 11.12
N GLU B 317 24.28 -7.43 12.16
CA GLU B 317 24.80 -6.41 13.05
C GLU B 317 24.72 -6.92 14.50
N ALA B 318 25.82 -6.79 15.22
CA ALA B 318 25.84 -7.06 16.65
C ALA B 318 25.29 -5.84 17.38
N ILE B 319 24.43 -6.07 18.36
CA ILE B 319 23.88 -5.00 19.15
C ILE B 319 24.14 -5.27 20.63
N SER B 320 24.28 -4.21 21.43
CA SER B 320 24.65 -4.36 22.84
C SER B 320 23.61 -5.10 23.69
N GLU B 321 24.12 -5.84 24.66
CA GLU B 321 23.33 -6.57 25.64
C GLU B 321 22.44 -5.63 26.44
N GLU B 322 22.93 -4.42 26.71
CA GLU B 322 22.16 -3.40 27.40
C GLU B 322 21.19 -2.73 26.42
N LEU B 323 19.91 -2.73 26.77
CA LEU B 323 18.90 -2.10 25.92
C LEU B 323 19.04 -0.58 25.94
N PRO B 324 18.73 0.09 24.81
CA PRO B 324 18.82 1.55 24.77
C PRO B 324 17.63 2.15 25.49
N TYR B 325 17.80 3.37 26.01
CA TYR B 325 16.70 4.04 26.67
C TYR B 325 15.64 4.39 25.63
N SER B 326 14.38 4.14 25.97
CA SER B 326 13.27 4.44 25.08
C SER B 326 12.05 4.68 25.93
N GLU B 327 10.95 5.00 25.26
CA GLU B 327 9.65 5.24 25.89
C GLU B 327 9.03 3.98 26.54
N TYR B 328 9.57 2.81 26.23
CA TYR B 328 9.05 1.57 26.82
C TYR B 328 10.06 0.88 27.76
N PHE B 329 11.04 1.64 28.24
CA PHE B 329 12.18 1.10 28.96
C PHE B 329 11.78 0.21 30.14
N GLU B 330 10.73 0.62 30.85
CA GLU B 330 10.31 -0.03 32.09
C GLU B 330 9.62 -1.37 31.87
N TYR B 331 9.27 -1.67 30.63
CA TYR B 331 8.71 -2.98 30.28
C TYR B 331 9.78 -4.06 30.42
N PHE B 332 11.04 -3.64 30.46
CA PHE B 332 12.16 -4.57 30.41
C PHE B 332 12.89 -4.73 31.73
N ALA B 333 12.26 -4.23 32.80
CA ALA B 333 12.74 -4.38 34.16
C ALA B 333 12.67 -5.85 34.59
N PRO B 334 13.52 -6.28 35.53
CA PRO B 334 14.54 -5.54 36.30
C PRO B 334 15.93 -5.49 35.66
N ASP B 335 16.14 -6.25 34.58
CA ASP B 335 17.47 -6.44 33.99
C ASP B 335 17.81 -5.45 32.85
N PHE B 336 16.78 -4.92 32.17
CA PHE B 336 16.95 -4.02 31.00
C PHE B 336 18.04 -4.51 30.04
N THR B 337 17.98 -5.81 29.76
CA THR B 337 18.98 -6.47 28.94
C THR B 337 18.29 -7.19 27.78
N LEU B 338 19.05 -7.42 26.70
CA LEU B 338 18.53 -8.00 25.47
C LEU B 338 18.31 -9.50 25.60
N HIS B 339 19.16 -10.15 26.39
CA HIS B 339 19.06 -11.61 26.55
C HIS B 339 18.81 -11.95 27.99
N PRO B 340 17.57 -11.74 28.45
CA PRO B 340 17.30 -12.18 29.81
C PRO B 340 17.22 -13.69 29.83
N ASP B 341 17.58 -14.28 30.96
CA ASP B 341 17.43 -15.70 31.18
C ASP B 341 15.93 -16.07 31.17
N VAL B 342 15.47 -16.73 30.12
CA VAL B 342 14.07 -17.18 30.03
C VAL B 342 13.84 -18.69 30.25
N SER B 343 14.87 -19.40 30.72
CA SER B 343 14.78 -20.85 31.00
C SER B 343 13.55 -21.21 31.84
N THR B 344 12.82 -22.25 31.42
CA THR B 344 11.68 -22.77 32.19
C THR B 344 12.15 -23.44 33.48
N ARG B 345 13.34 -24.03 33.42
CA ARG B 345 13.87 -24.90 34.49
C ARG B 345 12.89 -26.06 34.80
N ILE B 346 12.10 -26.44 33.78
CA ILE B 346 11.13 -27.54 33.86
C ILE B 346 11.71 -28.73 33.11
N GLU B 347 11.27 -29.93 33.47
CA GLU B 347 11.76 -31.14 32.81
C GLU B 347 11.38 -31.15 31.33
N ASN B 348 12.39 -31.25 30.47
CA ASN B 348 12.20 -31.49 29.05
C ASN B 348 11.58 -32.87 28.85
N GLN B 349 10.42 -32.90 28.20
CA GLN B 349 9.66 -34.14 28.02
C GLN B 349 10.03 -34.89 26.74
N ASN B 350 11.01 -34.36 26.00
CA ASN B 350 11.50 -34.98 24.79
C ASN B 350 12.71 -35.87 25.11
N SER B 351 12.46 -37.14 25.41
CA SER B 351 13.56 -38.09 25.66
C SER B 351 14.31 -38.35 24.36
N ARG B 352 15.56 -38.82 24.47
CA ARG B 352 16.36 -39.07 23.27
C ARG B 352 15.73 -40.21 22.45
N GLN B 353 15.03 -41.11 23.15
CA GLN B 353 14.19 -42.13 22.51
C GLN B 353 13.15 -41.47 21.60
N TYR B 354 12.21 -40.73 22.20
CA TYR B 354 11.20 -39.97 21.44
C TYR B 354 11.81 -39.25 20.23
N LEU B 355 12.84 -38.45 20.47
CA LEU B 355 13.47 -37.62 19.42
C LEU B 355 14.02 -38.48 18.29
N ASP B 356 14.62 -39.61 18.64
CA ASP B 356 15.16 -40.55 17.66
C ASP B 356 14.07 -41.18 16.79
N GLN B 357 12.98 -41.59 17.43
CA GLN B 357 11.81 -42.08 16.72
C GLN B 357 11.30 -41.03 15.72
N ILE B 358 11.08 -39.80 16.20
CA ILE B 358 10.67 -38.68 15.34
C ILE B 358 11.66 -38.48 14.19
N ARG B 359 12.95 -38.42 14.51
CA ARG B 359 14.01 -38.25 13.52
C ARG B 359 13.93 -39.27 12.38
N GLN B 360 13.87 -40.56 12.71
CA GLN B 360 13.87 -41.62 11.68
C GLN B 360 12.65 -41.55 10.75
N THR B 361 11.47 -41.28 11.33
CA THR B 361 10.23 -41.10 10.56
C THR B 361 10.28 -39.90 9.62
N ILE B 362 10.70 -38.75 10.15
CA ILE B 362 10.83 -37.52 9.36
C ILE B 362 11.79 -37.73 8.21
N PHE B 363 12.97 -38.27 8.50
CA PHE B 363 13.97 -38.49 7.48
C PHE B 363 13.57 -39.55 6.44
N GLU B 364 12.67 -40.44 6.80
CA GLU B 364 12.09 -41.38 5.83
C GLU B 364 11.10 -40.65 4.88
N ASN B 365 10.28 -39.77 5.45
CA ASN B 365 9.42 -38.92 4.63
C ASN B 365 10.22 -38.03 3.69
N LEU B 366 11.32 -37.47 4.19
CA LEU B 366 12.21 -36.68 3.35
C LEU B 366 12.87 -37.48 2.23
N LYS B 367 13.16 -38.75 2.50
CA LYS B 367 13.66 -39.65 1.45
C LYS B 367 12.64 -39.74 0.32
N MET B 368 11.37 -39.90 0.68
CA MET B 368 10.28 -39.97 -0.30
C MET B 368 10.25 -38.73 -1.16
N LEU B 369 10.44 -37.59 -0.51
CA LEU B 369 10.52 -36.30 -1.16
C LEU B 369 11.62 -36.32 -2.23
N ASN B 370 12.81 -36.82 -1.87
CA ASN B 370 13.88 -37.02 -2.84
C ASN B 370 13.48 -38.03 -3.92
N LYS C 22 -9.15 10.61 -43.29
CA LYS C 22 -10.55 10.09 -43.19
C LYS C 22 -10.97 9.68 -41.76
N PHE C 23 -10.16 8.86 -41.08
CA PHE C 23 -10.45 8.54 -39.67
C PHE C 23 -9.76 9.52 -38.69
N ILE C 24 -8.62 10.08 -39.12
CA ILE C 24 -7.96 11.18 -38.40
C ILE C 24 -7.64 12.34 -39.36
N ASN C 25 -8.10 13.55 -39.02
CA ASN C 25 -7.81 14.77 -39.79
C ASN C 25 -6.35 15.19 -39.74
N MET C 26 -5.97 16.14 -40.62
CA MET C 26 -4.64 16.74 -40.60
C MET C 26 -4.27 17.27 -39.22
N ASN C 27 -5.22 17.92 -38.55
CA ASN C 27 -4.97 18.55 -37.24
C ASN C 27 -5.13 17.60 -36.05
N GLY C 28 -5.35 16.32 -36.31
CA GLY C 28 -5.47 15.31 -35.25
C GLY C 28 -6.90 15.07 -34.75
N LEU C 29 -7.87 15.79 -35.27
CA LEU C 29 -9.24 15.51 -34.91
C LEU C 29 -9.59 14.09 -35.39
N MET C 30 -10.04 13.23 -34.48
CA MET C 30 -10.41 11.86 -34.82
C MET C 30 -11.85 11.80 -35.24
N ALA C 31 -12.08 11.52 -36.52
CA ALA C 31 -13.44 11.34 -37.01
C ALA C 31 -14.05 10.04 -36.49
N ASP C 32 -13.23 8.99 -36.33
CA ASP C 32 -13.74 7.72 -35.80
C ASP C 32 -12.78 7.11 -34.79
N PRO C 33 -12.90 7.53 -33.51
CA PRO C 33 -11.97 7.15 -32.45
C PRO C 33 -11.98 5.65 -32.18
N MET C 34 -13.13 5.00 -32.35
CA MET C 34 -13.20 3.54 -32.16
C MET C 34 -12.36 2.83 -33.22
N LYS C 35 -12.46 3.28 -34.47
CA LYS C 35 -11.63 2.72 -35.55
C LYS C 35 -10.13 2.89 -35.26
N VAL C 36 -9.76 4.05 -34.70
CA VAL C 36 -8.38 4.33 -34.34
C VAL C 36 -7.90 3.33 -33.26
N TYR C 37 -8.71 3.17 -32.22
CA TYR C 37 -8.46 2.21 -31.14
C TYR C 37 -8.37 0.76 -31.64
N LYS C 38 -9.34 0.36 -32.46
CA LYS C 38 -9.40 -1.00 -33.00
C LYS C 38 -8.13 -1.34 -33.80
N ASP C 39 -7.68 -0.37 -34.61
CA ASP C 39 -6.44 -0.46 -35.35
C ASP C 39 -5.25 -0.84 -34.49
N ARG C 40 -5.22 -0.35 -33.25
CA ARG C 40 -4.11 -0.64 -32.36
C ARG C 40 -4.16 -2.08 -31.85
N GLN C 41 -5.34 -2.68 -31.86
CA GLN C 41 -5.52 -4.07 -31.42
C GLN C 41 -5.25 -5.05 -32.58
N VAL C 42 -5.72 -4.70 -33.77
CA VAL C 42 -5.44 -5.46 -35.00
C VAL C 42 -3.94 -5.67 -35.18
N MET C 43 -3.15 -4.67 -34.79
CA MET C 43 -1.69 -4.77 -34.79
C MET C 43 -1.19 -5.51 -33.54
N ASN C 44 -1.95 -6.51 -33.09
CA ASN C 44 -1.52 -7.49 -32.10
C ASN C 44 -0.98 -8.71 -32.84
N MET C 45 0.04 -8.49 -33.66
CA MET C 45 0.59 -9.55 -34.51
C MET C 45 1.90 -10.05 -33.93
N TRP C 46 1.76 -10.90 -32.92
CA TRP C 46 2.88 -11.56 -32.28
C TRP C 46 2.94 -12.97 -32.77
N SER C 47 4.12 -13.40 -33.19
CA SER C 47 4.33 -14.80 -33.56
C SER C 47 4.67 -15.60 -32.31
N GLU C 48 4.72 -16.92 -32.44
CA GLU C 48 4.96 -17.82 -31.30
C GLU C 48 6.41 -17.77 -30.84
N GLN C 49 7.33 -17.45 -31.73
CA GLN C 49 8.74 -17.23 -31.38
C GLN C 49 8.85 -15.98 -30.53
N GLU C 50 8.12 -14.94 -30.93
CA GLU C 50 8.07 -13.68 -30.19
C GLU C 50 7.43 -13.90 -28.81
N LYS C 51 6.22 -14.45 -28.80
CA LYS C 51 5.52 -14.80 -27.57
C LYS C 51 6.42 -15.55 -26.59
N GLU C 52 7.12 -16.58 -27.07
CA GLU C 52 7.94 -17.41 -26.20
C GLU C 52 9.18 -16.68 -25.65
N THR C 53 9.81 -15.87 -26.49
CA THR C 53 10.97 -15.06 -26.06
C THR C 53 10.61 -14.06 -24.96
N PHE C 54 9.47 -13.39 -25.12
CA PHE C 54 8.95 -12.49 -24.09
C PHE C 54 8.96 -13.17 -22.71
N ARG C 55 8.26 -14.30 -22.63
CA ARG C 55 8.11 -15.06 -21.39
C ARG C 55 9.43 -15.40 -20.70
N GLU C 56 10.36 -15.99 -21.44
CA GLU C 56 11.65 -16.41 -20.87
C GLU C 56 12.46 -15.22 -20.41
N LYS C 57 12.48 -14.17 -21.22
CA LYS C 57 13.18 -12.95 -20.85
C LYS C 57 12.50 -12.28 -19.67
N PHE C 58 11.17 -12.37 -19.61
CA PHE C 58 10.41 -11.79 -18.49
C PHE C 58 10.75 -12.48 -17.16
N MET C 59 10.51 -13.77 -17.07
CA MET C 59 10.76 -14.50 -15.82
C MET C 59 12.20 -14.37 -15.36
N GLN C 60 13.13 -14.27 -16.31
CA GLN C 60 14.53 -13.94 -16.00
C GLN C 60 14.68 -12.50 -15.47
N HIS C 61 14.07 -11.56 -16.19
CA HIS C 61 14.10 -10.14 -15.81
C HIS C 61 12.71 -9.56 -15.74
N PRO C 62 12.08 -9.59 -14.55
CA PRO C 62 10.66 -9.27 -14.48
C PRO C 62 10.39 -7.79 -14.70
N LYS C 63 9.59 -7.48 -15.72
CA LYS C 63 9.21 -6.09 -16.05
C LYS C 63 10.38 -5.23 -16.54
N ASN C 64 11.48 -5.87 -16.92
CA ASN C 64 12.56 -5.16 -17.59
C ASN C 64 12.27 -5.18 -19.10
N PHE C 65 11.35 -4.33 -19.50
CA PHE C 65 10.84 -4.32 -20.87
C PHE C 65 11.87 -3.77 -21.84
N GLY C 66 12.79 -2.96 -21.34
CA GLY C 66 13.96 -2.52 -22.12
C GLY C 66 14.76 -3.73 -22.58
N LEU C 67 15.12 -4.58 -21.61
CA LEU C 67 15.85 -5.81 -21.93
C LEU C 67 15.04 -6.75 -22.84
N ILE C 68 13.77 -6.95 -22.52
CA ILE C 68 12.93 -7.84 -23.33
C ILE C 68 12.88 -7.37 -24.79
N ALA C 69 12.54 -6.09 -24.99
CA ALA C 69 12.47 -5.53 -26.35
C ALA C 69 13.75 -5.72 -27.14
N SER C 70 14.89 -5.65 -26.46
CA SER C 70 16.19 -5.80 -27.12
C SER C 70 16.37 -7.16 -27.81
N PHE C 71 15.69 -8.19 -27.31
CA PHE C 71 15.77 -9.52 -27.92
C PHE C 71 14.66 -9.77 -28.94
N LEU C 72 13.94 -8.73 -29.32
CA LEU C 72 12.84 -8.87 -30.27
C LEU C 72 12.97 -7.92 -31.46
N GLU C 73 13.34 -8.48 -32.61
CA GLU C 73 13.66 -7.72 -33.82
C GLU C 73 12.56 -6.78 -34.30
N ARG C 74 11.30 -7.21 -34.21
CA ARG C 74 10.22 -6.35 -34.66
C ARG C 74 9.25 -5.92 -33.54
N LYS C 75 9.75 -5.91 -32.31
CA LYS C 75 8.98 -5.39 -31.18
C LYS C 75 9.78 -4.35 -30.39
N THR C 76 9.20 -3.16 -30.22
CA THR C 76 9.79 -2.09 -29.40
C THR C 76 9.37 -2.22 -27.94
N VAL C 77 10.01 -1.45 -27.08
CA VAL C 77 9.70 -1.45 -25.66
C VAL C 77 8.20 -1.11 -25.37
N ALA C 78 7.62 -0.18 -26.13
CA ALA C 78 6.19 0.17 -25.96
C ALA C 78 5.24 -0.96 -26.35
N GLU C 79 5.59 -1.69 -27.41
CA GLU C 79 4.78 -2.85 -27.84
C GLU C 79 4.84 -3.95 -26.77
N CYS C 80 6.01 -4.14 -26.18
CA CYS C 80 6.20 -5.07 -25.06
C CYS C 80 5.32 -4.72 -23.86
N VAL C 81 5.33 -3.44 -23.45
CA VAL C 81 4.41 -2.96 -22.40
C VAL C 81 2.96 -3.30 -22.79
N LEU C 82 2.55 -2.94 -24.01
CA LEU C 82 1.18 -3.20 -24.44
C LEU C 82 0.81 -4.69 -24.40
N TYR C 83 1.72 -5.54 -24.89
CA TYR C 83 1.51 -6.99 -24.88
C TYR C 83 1.33 -7.52 -23.47
N TYR C 84 2.19 -7.07 -22.55
CA TYR C 84 2.12 -7.43 -21.14
C TYR C 84 0.73 -7.20 -20.56
N TYR C 85 0.17 -6.01 -20.79
CA TYR C 85 -1.16 -5.71 -20.27
C TYR C 85 -2.30 -6.43 -20.99
N LEU C 86 -2.13 -6.66 -22.29
CA LEU C 86 -3.17 -7.35 -23.09
C LEU C 86 -3.28 -8.86 -22.74
N THR C 87 -2.21 -9.42 -22.19
CA THR C 87 -2.14 -10.87 -21.95
C THR C 87 -2.02 -11.33 -20.50
N LYS C 88 -1.56 -10.48 -19.59
CA LYS C 88 -1.22 -10.92 -18.23
C LYS C 88 -2.37 -11.50 -17.40
N LYS C 89 -3.60 -11.43 -17.91
CA LYS C 89 -4.71 -12.18 -17.33
C LYS C 89 -4.87 -13.51 -18.05
N ASN C 90 -5.05 -13.42 -19.37
CA ASN C 90 -5.22 -14.56 -20.27
C ASN C 90 -3.92 -15.35 -20.44
N LYS D 22 10.49 14.07 1.27
CA LYS D 22 11.00 14.66 2.55
C LYS D 22 11.43 13.59 3.57
N PHE D 23 10.63 13.37 4.63
CA PHE D 23 10.93 12.28 5.58
C PHE D 23 10.28 10.95 5.21
N ILE D 24 9.17 11.01 4.49
CA ILE D 24 8.54 9.81 3.89
C ILE D 24 8.27 10.10 2.41
N ASN D 25 8.69 9.19 1.55
CA ASN D 25 8.47 9.32 0.11
C ASN D 25 7.01 9.06 -0.27
N MET D 26 6.70 9.30 -1.54
CA MET D 26 5.37 9.03 -2.07
C MET D 26 4.99 7.56 -1.97
N ASN D 27 5.93 6.68 -2.28
CA ASN D 27 5.71 5.24 -2.18
C ASN D 27 5.80 4.69 -0.74
N GLY D 28 5.97 5.57 0.24
CA GLY D 28 6.04 5.15 1.65
C GLY D 28 7.41 4.79 2.20
N LEU D 29 8.45 4.87 1.37
CA LEU D 29 9.81 4.65 1.87
C LEU D 29 10.19 5.78 2.82
N MET D 30 10.63 5.41 4.04
CA MET D 30 10.97 6.38 5.08
C MET D 30 12.46 6.69 5.02
N ALA D 31 12.78 7.92 4.67
CA ALA D 31 14.16 8.39 4.64
C ALA D 31 14.71 8.49 6.06
N ASP D 32 13.87 8.92 7.01
CA ASP D 32 14.26 8.95 8.43
C ASP D 32 13.18 8.34 9.32
N PRO D 33 13.26 7.02 9.57
CA PRO D 33 12.28 6.31 10.39
C PRO D 33 12.29 6.73 11.87
N MET D 34 13.42 7.21 12.37
CA MET D 34 13.46 7.74 13.74
C MET D 34 12.60 9.00 13.86
N LYS D 35 12.72 9.90 12.88
CA LYS D 35 11.89 11.09 12.81
C LYS D 35 10.40 10.75 12.85
N VAL D 36 9.99 9.80 12.00
CA VAL D 36 8.62 9.35 11.94
C VAL D 36 8.15 8.85 13.31
N TYR D 37 8.98 8.01 13.93
CA TYR D 37 8.70 7.46 15.26
C TYR D 37 8.46 8.58 16.29
N LYS D 38 9.42 9.49 16.42
CA LYS D 38 9.32 10.56 17.43
C LYS D 38 8.12 11.49 17.21
N ASP D 39 7.71 11.64 15.94
CA ASP D 39 6.55 12.44 15.57
C ASP D 39 5.26 11.89 16.22
N ARG D 40 5.19 10.57 16.39
CA ARG D 40 4.04 9.99 17.09
C ARG D 40 4.16 10.19 18.61
N GLN D 41 5.36 10.49 19.11
CA GLN D 41 5.53 10.85 20.51
C GLN D 41 5.24 12.34 20.70
N VAL D 42 5.88 13.17 19.88
CA VAL D 42 5.75 14.65 19.92
C VAL D 42 4.29 15.09 19.97
N MET D 43 3.46 14.53 19.08
CA MET D 43 2.02 14.73 19.15
C MET D 43 1.50 13.83 20.27
N ASN D 44 1.64 14.33 21.50
CA ASN D 44 1.48 13.57 22.73
C ASN D 44 0.34 14.11 23.58
N MET D 45 0.02 15.39 23.37
CA MET D 45 -0.69 16.19 24.36
C MET D 45 -2.04 15.67 24.81
N TRP D 46 -2.02 15.05 25.99
CA TRP D 46 -3.20 14.71 26.75
C TRP D 46 -3.38 15.74 27.81
N SER D 47 -4.51 16.44 27.78
CA SER D 47 -4.79 17.45 28.79
C SER D 47 -5.14 16.78 30.12
N GLU D 48 -5.08 17.55 31.19
CA GLU D 48 -5.29 17.02 32.54
C GLU D 48 -6.70 16.49 32.72
N GLN D 49 -7.64 17.07 31.98
CA GLN D 49 -9.03 16.66 32.01
C GLN D 49 -9.22 15.32 31.30
N GLU D 50 -8.43 15.11 30.24
CA GLU D 50 -8.45 13.86 29.48
C GLU D 50 -7.86 12.69 30.28
N LYS D 51 -6.70 12.92 30.90
CA LYS D 51 -6.05 11.94 31.77
C LYS D 51 -6.98 11.48 32.89
N GLU D 52 -7.72 12.43 33.45
CA GLU D 52 -8.63 12.19 34.57
C GLU D 52 -9.81 11.30 34.15
N THR D 53 -10.39 11.58 32.99
CA THR D 53 -11.52 10.83 32.46
C THR D 53 -11.09 9.40 32.11
N PHE D 54 -9.86 9.26 31.62
CA PHE D 54 -9.29 7.96 31.30
C PHE D 54 -9.34 7.00 32.48
N ARG D 55 -8.73 7.41 33.60
CA ARG D 55 -8.62 6.55 34.80
C ARG D 55 -9.98 6.18 35.38
N GLU D 56 -10.90 7.15 35.39
CA GLU D 56 -12.23 6.92 35.95
C GLU D 56 -13.01 5.86 35.18
N LYS D 57 -13.05 5.99 33.86
CA LYS D 57 -13.77 5.02 33.02
C LYS D 57 -13.04 3.69 32.92
N PHE D 58 -11.71 3.74 33.06
CA PHE D 58 -10.89 2.53 33.06
C PHE D 58 -11.17 1.70 34.32
N MET D 59 -11.25 2.37 35.47
CA MET D 59 -11.54 1.71 36.76
C MET D 59 -12.92 1.07 36.77
N GLN D 60 -13.89 1.74 36.15
CA GLN D 60 -15.25 1.20 36.01
C GLN D 60 -15.30 0.05 35.00
N HIS D 61 -14.83 0.32 33.77
CA HIS D 61 -14.79 -0.69 32.71
C HIS D 61 -13.36 -0.86 32.28
N PRO D 62 -12.66 -1.86 32.85
CA PRO D 62 -11.21 -1.97 32.65
C PRO D 62 -10.88 -2.49 31.26
N LYS D 63 -10.01 -1.76 30.57
CA LYS D 63 -9.56 -2.11 29.21
C LYS D 63 -10.71 -2.10 28.19
N ASN D 64 -11.75 -1.32 28.47
CA ASN D 64 -12.81 -1.07 27.51
C ASN D 64 -12.50 0.26 26.84
N PHE D 65 -11.56 0.23 25.90
CA PHE D 65 -11.02 1.45 25.30
C PHE D 65 -12.05 2.08 24.36
N GLY D 66 -12.93 1.25 23.79
CA GLY D 66 -14.04 1.72 22.98
C GLY D 66 -14.96 2.61 23.81
N LEU D 67 -15.26 2.18 25.03
CA LEU D 67 -16.07 2.98 25.96
C LEU D 67 -15.34 4.23 26.46
N ILE D 68 -14.08 4.09 26.85
CA ILE D 68 -13.27 5.23 27.26
C ILE D 68 -13.26 6.29 26.15
N ALA D 69 -12.91 5.89 24.94
CA ALA D 69 -12.84 6.81 23.80
C ALA D 69 -14.14 7.57 23.55
N SER D 70 -15.26 6.94 23.84
CA SER D 70 -16.57 7.54 23.61
C SER D 70 -16.88 8.72 24.54
N PHE D 71 -16.13 8.85 25.63
CA PHE D 71 -16.26 9.98 26.56
C PHE D 71 -15.17 11.03 26.35
N LEU D 72 -14.40 10.91 25.26
CA LEU D 72 -13.32 11.86 24.95
C LEU D 72 -13.50 12.41 23.54
N GLU D 73 -13.49 13.72 23.39
CA GLU D 73 -13.88 14.35 22.13
C GLU D 73 -12.73 14.49 21.13
N ARG D 74 -11.51 14.60 21.64
CA ARG D 74 -10.35 14.71 20.76
C ARG D 74 -9.54 13.40 20.67
N LYS D 75 -10.00 12.37 21.39
CA LYS D 75 -9.27 11.11 21.47
C LYS D 75 -9.99 9.89 20.88
N THR D 76 -9.33 9.23 19.94
CA THR D 76 -9.85 8.01 19.34
C THR D 76 -9.45 6.77 20.14
N VAL D 77 -10.12 5.65 19.85
CA VAL D 77 -9.83 4.37 20.49
C VAL D 77 -8.33 4.00 20.43
N ALA D 78 -7.71 4.12 19.26
CA ALA D 78 -6.28 3.82 19.10
C ALA D 78 -5.37 4.70 19.96
N GLU D 79 -5.70 5.99 20.04
CA GLU D 79 -4.95 6.92 20.90
C GLU D 79 -5.06 6.53 22.37
N CYS D 80 -6.24 6.03 22.75
CA CYS D 80 -6.46 5.46 24.08
C CYS D 80 -5.59 4.24 24.37
N VAL D 81 -5.46 3.34 23.38
CA VAL D 81 -4.61 2.17 23.54
C VAL D 81 -3.17 2.61 23.69
N LEU D 82 -2.73 3.49 22.80
CA LEU D 82 -1.36 4.01 22.83
C LEU D 82 -1.02 4.61 24.18
N TYR D 83 -1.94 5.41 24.71
CA TYR D 83 -1.73 6.13 25.96
C TYR D 83 -1.62 5.18 27.15
N TYR D 84 -2.53 4.20 27.19
CA TYR D 84 -2.48 3.13 28.16
C TYR D 84 -1.11 2.48 28.24
N TYR D 85 -0.53 2.12 27.09
CA TYR D 85 0.78 1.48 27.08
C TYR D 85 1.94 2.39 27.47
N LEU D 86 1.87 3.66 27.07
CA LEU D 86 2.94 4.62 27.36
C LEU D 86 2.98 5.05 28.81
N THR D 87 1.89 4.83 29.54
CA THR D 87 1.78 5.33 30.91
C THR D 87 1.61 4.25 31.98
N LYS D 88 1.12 3.07 31.61
CA LYS D 88 0.68 2.09 32.64
C LYS D 88 1.75 1.62 33.63
N LYS D 89 3.02 1.96 33.37
CA LYS D 89 4.05 1.80 34.39
C LYS D 89 3.99 2.99 35.36
#